data_8FLR
#
_entry.id   8FLR
#
_cell.length_a   1.00
_cell.length_b   1.00
_cell.length_c   1.00
_cell.angle_alpha   90.00
_cell.angle_beta   90.00
_cell.angle_gamma   90.00
#
_symmetry.space_group_name_H-M   'P 1'
#
loop_
_entity.id
_entity.type
_entity.pdbx_description
1 polymer 'Guanine nucleotide-binding protein G(s) subunit alpha isoforms short'
2 polymer 'Guanine nucleotide-binding protein G(I)/G(S)/G(T) subunit beta-1'
3 polymer 'Guanine nucleotide-binding protein G(I)/G(S)/G(O) subunit gamma-2'
4 polymer Nanobody35
5 polymer PTHrP[1-36]
6 polymer 'Parathyroid hormone/parathyroid hormone-related peptide receptor'
7 water water
#
loop_
_entity_poly.entity_id
_entity_poly.type
_entity_poly.pdbx_seq_one_letter_code
_entity_poly.pdbx_strand_id
1 'polypeptide(L)'
;MGCLGNSKTEDQRNEEKAQREANKKIEKQLQKDKQVYRATHRLLLLGAGESGKNTIVKQMRILHVNGFNGEGGEEDPQAA
RSNSDGEKATKVQDIKNNLKEAIETIVAAMSNLVPPVELANPENQFRVDYILSVMNVPDFDFPPEFYEHAKALWEDEGVR
ACYERSNEYQLIDCAQYFLDKIDVIKQADYVPSDQDLLRCRVLTSGIFETKFQVDKVNFHMFDVGAQRDERRKWIQCFND
VTAIIFVVASSSYNMVIREDNQTNRLQAALKLFDSIWNNKWLRDTSVILFLNKQDLLAEKVLAGKSKIEDYFPEFARYTT
PEDATPEPGEDPRVTRAKYFIRDEFLRISTASGDGRHYCYPHFTCAVDTENIRRVFNDCRDIIQRMHLRQYELL
;
A
2 'polypeptide(L)'
;QSELDQLRQEAEQLKNQIRDARKACADATLSQITNNIDPVGRIQMRTRRTLRGHLAKIYAMHWGTDSRLLVSASQDGKLI
IWDSYTTNKVHAIPLRSSWVMTCAYAPSGNYVACGGLDNICSIYNLKTREGNVRVSRELAGHTGYLSCCRFLDDNQIVTS
SGDTTCALWDIETGQQTTTFTGHTGDVMSLSLAPDTRLFVSGACDASAKLWDVREGMCRQTFTGHESDINAICFFPNGNA
FATGSDDATCRLFDLRADQELMTYSHDNIICGITSVSFSKSGRLLLAGYDDFNCNVWDALKADRAGVLAGHDNRVSCLGV
TDDGMAVATGSWDSFLKIWN
;
B
3 'polypeptide(L)' NTASIAQARKLVEQLKMEANIDRIKVSKAAADLMAYCEAHAKEDPLLTPVPASENPFR G
4 'polypeptide(L)'
;QVQLQESGGGLVQPGGSLRLSCAASGFTFSNYKMNWVRQAPGKGLEWVSDISQSGASISYTGSVKGRFTISRDNAKNTLY
LQMNSLKPEDTAVYYCARCPAPFTRDCFDVTSTTYAYRGQGTQVTVSS
;
N
5 'polypeptide(L)' AVSEHQLLHDKGKSIQDLRRRFFLHHLIAEIHTAEI P
6 'polypeptide(L)'
;MKTIIALSYIFCLVFADYKDDDDLEVLFQGPADDVMTKEEQIFLLHRAQAQCEKRLKEVLQRPASIMESDKGWTSASTSG
KPRKDKASGKLYPESEEDKEAPTGSRYRGRPCLPEWDHILCWPLGAPGEVVAVPCPDYIYDFNHKGHAYRRCDRNGSWEL
VPGHNRTWANYSECVKFLTNETREREVFDRLGMIYTVGYSVSLASLTVAVLILAYFRRLHCTRNYIHMHLFLSFMLRAVS
IFVKDAVLYSGATLDEAERLTEEELRAIAQAPPPPATAAAGYAGCRVAVTFFLYFLATNYYWILVEGLYLHSLIFMAFFS
EKKYLWGFTVFGWGLPAVFVAVWVSVRATLANTGCWDLSSGNKKWIIQVPILASIVLNFILFINIVRVLATKLRETNAGR
CDTRQQYRKLLKSTLVLMPLFGVHYIVFMATPYTEVSGTLWQVQMHYEMLFNSFQGFFVAIIYCFCNGEVQAEIKKSWSR
WTLALDFKRKARSGSSSYSYGPMVSHTSVTNVGPRVGLGLPLSPRLLPTATTNGHPQLPGHAKPGTPALETLETTPPAMA
APKDDGFLNGSCSGLDEEASGPERPPALLQEEWETVMPAGLEVLFQGPHHHHHHHH
;
R
#
# COMPACT_ATOMS: atom_id res chain seq x y z
N GLU A 16 9.71 -30.81 19.91
CA GLU A 16 9.24 -30.14 18.71
C GLU A 16 7.72 -30.14 18.63
N LYS A 17 7.09 -31.26 19.03
CA LYS A 17 5.64 -31.32 19.04
C LYS A 17 5.04 -30.30 20.01
N ALA A 18 5.62 -30.18 21.21
CA ALA A 18 5.15 -29.19 22.17
C ALA A 18 5.37 -27.77 21.66
N GLN A 19 6.51 -27.54 21.01
CA GLN A 19 6.80 -26.22 20.44
C GLN A 19 5.79 -25.85 19.36
N ARG A 20 5.45 -26.80 18.49
CA ARG A 20 4.45 -26.54 17.47
C ARG A 20 3.06 -26.36 18.06
N GLU A 21 2.75 -27.10 19.13
CA GLU A 21 1.49 -26.88 19.84
C GLU A 21 1.40 -25.46 20.37
N ALA A 22 2.46 -24.99 21.03
CA ALA A 22 2.49 -23.62 21.52
C ALA A 22 2.41 -22.62 20.38
N ASN A 23 3.07 -22.92 19.26
CA ASN A 23 3.05 -22.02 18.11
C ASN A 23 1.64 -21.89 17.55
N LYS A 24 0.91 -22.99 17.42
CA LYS A 24 -0.44 -22.90 16.87
C LYS A 24 -1.41 -22.26 17.87
N LYS A 25 -1.18 -22.50 19.16
CA LYS A 25 -1.93 -21.78 20.19
C LYS A 25 -1.71 -20.28 20.07
N ILE A 26 -0.48 -19.87 19.75
CA ILE A 26 -0.19 -18.46 19.55
C ILE A 26 -0.83 -17.98 18.25
N GLU A 27 -0.83 -18.81 17.21
CA GLU A 27 -1.34 -18.40 15.90
C GLU A 27 -2.83 -18.15 15.93
N LYS A 28 -3.60 -18.97 16.66
CA LYS A 28 -5.04 -18.70 16.74
C LYS A 28 -5.31 -17.38 17.47
N GLN A 29 -4.57 -17.10 18.54
CA GLN A 29 -4.72 -15.83 19.24
C GLN A 29 -4.30 -14.67 18.35
N LEU A 30 -3.28 -14.87 17.51
CA LEU A 30 -2.86 -13.80 16.61
C LEU A 30 -3.86 -13.58 15.49
N GLN A 31 -4.56 -14.63 15.06
CA GLN A 31 -5.67 -14.44 14.12
C GLN A 31 -6.78 -13.62 14.75
N LYS A 32 -7.12 -13.93 16.01
CA LYS A 32 -8.10 -13.12 16.71
C LYS A 32 -7.64 -11.68 16.86
N ASP A 33 -6.36 -11.48 17.16
CA ASP A 33 -5.80 -10.14 17.28
C ASP A 33 -5.82 -9.40 15.94
N LYS A 34 -5.59 -10.11 14.83
CA LYS A 34 -5.72 -9.49 13.52
C LYS A 34 -7.15 -9.04 13.26
N GLN A 35 -8.12 -9.89 13.62
CA GLN A 35 -9.52 -9.51 13.44
C GLN A 35 -9.86 -8.26 14.24
N VAL A 36 -9.35 -8.19 15.48
CA VAL A 36 -9.61 -7.01 16.30
C VAL A 36 -8.88 -5.79 15.76
N TYR A 37 -7.66 -5.98 15.28
CA TYR A 37 -6.79 -4.87 14.89
C TYR A 37 -7.28 -4.21 13.61
N ARG A 38 -7.63 -5.01 12.59
CA ARG A 38 -8.07 -4.42 11.33
C ARG A 38 -9.43 -3.73 11.47
N ALA A 39 -10.19 -4.07 12.52
CA ALA A 39 -11.51 -3.50 12.70
C ALA A 39 -11.50 -2.15 13.40
N THR A 40 -10.34 -1.69 13.86
CA THR A 40 -10.22 -0.43 14.59
C THR A 40 -9.40 0.55 13.78
N HIS A 41 -9.81 1.81 13.80
CA HIS A 41 -9.17 2.88 13.05
C HIS A 41 -8.39 3.77 14.02
N ARG A 42 -7.08 3.88 13.80
CA ARG A 42 -6.21 4.66 14.65
C ARG A 42 -6.15 6.09 14.14
N LEU A 43 -6.32 7.05 15.04
CA LEU A 43 -6.32 8.48 14.71
C LEU A 43 -5.29 9.18 15.57
N LEU A 44 -4.53 10.09 14.96
CA LEU A 44 -3.58 10.89 15.72
C LEU A 44 -4.13 12.29 15.88
N LEU A 45 -4.44 12.68 17.11
CA LEU A 45 -4.87 14.03 17.40
C LEU A 45 -3.66 14.90 17.70
N LEU A 46 -3.49 15.96 16.91
CA LEU A 46 -2.33 16.82 17.04
C LEU A 46 -2.77 18.27 16.94
N GLY A 47 -1.98 19.15 17.53
CA GLY A 47 -2.29 20.58 17.57
C GLY A 47 -1.89 21.19 18.89
N ALA A 48 -1.81 22.51 18.92
CA ALA A 48 -1.43 23.22 20.14
C ALA A 48 -2.50 23.06 21.21
N GLY A 49 -2.06 23.11 22.46
CA GLY A 49 -3.00 22.97 23.57
C GLY A 49 -4.03 24.09 23.63
N GLU A 50 -3.65 25.29 23.20
CA GLU A 50 -4.57 26.43 23.19
C GLU A 50 -5.58 26.35 22.05
N SER A 51 -5.43 25.40 21.13
CA SER A 51 -6.32 25.30 19.99
C SER A 51 -7.67 24.65 20.32
N GLY A 52 -7.81 24.09 21.51
CA GLY A 52 -9.04 23.41 21.88
C GLY A 52 -9.05 21.92 21.66
N LYS A 53 -7.89 21.31 21.41
CA LYS A 53 -7.82 19.86 21.24
C LYS A 53 -8.24 19.14 22.51
N ASN A 54 -7.87 19.67 23.67
CA ASN A 54 -8.24 19.05 24.93
C ASN A 54 -9.75 19.08 25.14
N THR A 55 -10.40 20.18 24.75
CA THR A 55 -11.85 20.25 24.85
C THR A 55 -12.51 19.23 23.92
N ILE A 56 -11.96 19.04 22.72
CA ILE A 56 -12.47 18.03 21.81
C ILE A 56 -12.32 16.63 22.42
N VAL A 57 -11.17 16.37 23.05
CA VAL A 57 -10.96 15.08 23.71
C VAL A 57 -11.97 14.88 24.82
N LYS A 58 -12.20 15.91 25.64
CA LYS A 58 -13.15 15.79 26.74
C LYS A 58 -14.55 15.54 26.23
N GLN A 59 -14.96 16.26 25.18
CA GLN A 59 -16.28 16.05 24.60
C GLN A 59 -16.42 14.64 24.03
N MET A 60 -15.37 14.15 23.38
CA MET A 60 -15.43 12.81 22.81
C MET A 60 -15.49 11.74 23.90
N ARG A 61 -14.78 11.97 25.01
CA ARG A 61 -14.78 11.01 26.11
C ARG A 61 -16.14 10.98 26.81
N ILE A 62 -16.69 12.15 27.12
CA ILE A 62 -17.98 12.18 27.81
C ILE A 62 -19.09 11.67 26.90
N LEU A 63 -18.88 11.71 25.58
CA LEU A 63 -19.86 11.18 24.65
C LEU A 63 -19.93 9.66 24.68
N HIS A 64 -18.82 9.00 25.00
CA HIS A 64 -18.79 7.53 25.04
C HIS A 64 -18.13 7.03 26.32
N THR A 204 1.34 12.71 33.30
CA THR A 204 2.56 11.91 33.39
C THR A 204 2.63 10.91 32.25
N SER A 205 1.48 10.43 31.80
CA SER A 205 1.44 9.48 30.69
C SER A 205 1.90 10.14 29.41
N GLY A 206 2.77 9.45 28.67
CA GLY A 206 3.33 9.99 27.46
C GLY A 206 2.44 9.94 26.24
N ILE A 207 1.28 9.29 26.36
CA ILE A 207 0.26 9.33 25.30
C ILE A 207 -1.07 8.94 25.94
N PHE A 208 -2.13 9.59 25.50
CA PHE A 208 -3.46 9.40 26.04
C PHE A 208 -4.33 8.74 24.97
N GLU A 209 -4.97 7.63 25.34
CA GLU A 209 -5.77 6.86 24.41
C GLU A 209 -7.25 7.11 24.68
N THR A 210 -8.00 7.40 23.63
CA THR A 210 -9.44 7.62 23.72
C THR A 210 -10.13 6.64 22.80
N LYS A 211 -11.03 5.82 23.35
CA LYS A 211 -11.80 4.87 22.59
C LYS A 211 -13.21 5.43 22.40
N PHE A 212 -13.69 5.41 21.16
CA PHE A 212 -15.10 5.71 20.92
C PHE A 212 -15.56 4.89 19.73
N GLN A 213 -16.85 4.95 19.43
CA GLN A 213 -17.39 4.20 18.31
C GLN A 213 -18.51 4.99 17.66
N VAL A 214 -18.51 4.97 16.33
CA VAL A 214 -19.54 5.61 15.51
C VAL A 214 -20.09 4.54 14.59
N ASP A 215 -21.40 4.31 14.67
CA ASP A 215 -22.09 3.31 13.85
C ASP A 215 -21.42 1.94 13.97
N LYS A 216 -21.16 1.53 15.22
CA LYS A 216 -20.50 0.28 15.56
C LYS A 216 -19.10 0.15 14.97
N VAL A 217 -18.48 1.26 14.58
CA VAL A 217 -17.12 1.28 14.09
C VAL A 217 -16.24 1.87 15.19
N ASN A 218 -15.20 1.14 15.58
CA ASN A 218 -14.36 1.52 16.70
C ASN A 218 -13.23 2.43 16.24
N PHE A 219 -13.12 3.59 16.87
CA PHE A 219 -12.05 4.55 16.61
C PHE A 219 -11.22 4.72 17.87
N HIS A 220 -9.90 4.78 17.66
CA HIS A 220 -8.91 4.89 18.73
C HIS A 220 -8.07 6.13 18.47
N MET A 221 -8.32 7.19 19.22
CA MET A 221 -7.62 8.46 19.07
C MET A 221 -6.47 8.53 20.06
N PHE A 222 -5.36 9.14 19.65
CA PHE A 222 -4.15 9.19 20.46
C PHE A 222 -3.70 10.63 20.62
N ASP A 223 -3.99 11.21 21.77
CA ASP A 223 -3.55 12.56 22.13
C ASP A 223 -2.14 12.46 22.69
N VAL A 224 -1.17 12.99 21.97
CA VAL A 224 0.26 12.83 22.33
C VAL A 224 0.54 13.90 23.39
N GLY A 225 0.35 13.50 24.64
CA GLY A 225 0.69 14.38 25.75
C GLY A 225 2.00 14.01 26.42
N ALA A 226 2.51 14.92 27.24
CA ALA A 226 3.74 14.71 28.00
C ALA A 226 4.91 14.36 27.08
N GLN A 227 4.95 14.98 25.91
CA GLN A 227 6.06 14.86 24.98
C GLN A 227 6.60 16.25 24.67
N ARG A 228 7.88 16.32 24.33
CA ARG A 228 8.50 17.61 24.06
C ARG A 228 8.00 18.17 22.72
N ASP A 229 8.23 19.46 22.52
CA ASP A 229 7.76 20.18 21.35
C ASP A 229 8.47 19.77 20.06
N GLU A 230 9.54 18.99 20.14
CA GLU A 230 10.27 18.54 18.95
C GLU A 230 9.59 17.26 18.46
N ARG A 231 8.72 17.41 17.46
CA ARG A 231 7.86 16.32 17.00
C ARG A 231 8.43 15.54 15.83
N ARG A 232 9.62 15.89 15.35
CA ARG A 232 10.10 15.31 14.10
C ARG A 232 10.40 13.82 14.19
N LYS A 233 10.47 13.25 15.39
CA LYS A 233 10.79 11.84 15.56
C LYS A 233 9.60 11.00 15.97
N TRP A 234 8.85 11.42 16.99
CA TRP A 234 7.71 10.61 17.43
C TRP A 234 6.51 10.75 16.52
N ILE A 235 6.53 11.68 15.57
CA ILE A 235 5.43 11.77 14.61
C ILE A 235 5.48 10.61 13.63
N GLN A 236 6.68 10.07 13.37
CA GLN A 236 6.83 8.98 12.40
C GLN A 236 6.09 7.72 12.84
N CYS A 237 5.80 7.60 14.13
CA CYS A 237 5.02 6.46 14.62
C CYS A 237 3.59 6.47 14.11
N PHE A 238 3.12 7.61 13.61
CA PHE A 238 1.73 7.77 13.20
C PHE A 238 1.59 7.92 11.68
N ASN A 239 2.37 7.15 10.91
CA ASN A 239 2.20 7.17 9.47
C ASN A 239 1.10 6.21 9.02
N ASP A 240 0.85 5.16 9.79
CA ASP A 240 -0.13 4.15 9.44
C ASP A 240 -1.51 4.42 10.04
N VAL A 241 -1.67 5.53 10.77
CA VAL A 241 -2.98 5.88 11.31
C VAL A 241 -3.91 6.24 10.17
N THR A 242 -5.22 6.11 10.42
CA THR A 242 -6.20 6.46 9.41
C THR A 242 -6.10 7.94 9.03
N ALA A 243 -5.96 8.80 10.04
CA ALA A 243 -5.90 10.24 9.78
C ALA A 243 -5.20 10.93 10.93
N ILE A 244 -4.67 12.11 10.63
CA ILE A 244 -4.16 13.03 11.63
C ILE A 244 -5.15 14.17 11.76
N ILE A 245 -5.82 14.25 12.90
CA ILE A 245 -6.72 15.35 13.19
C ILE A 245 -5.87 16.52 13.68
N PHE A 246 -5.63 17.47 12.78
CA PHE A 246 -4.83 18.65 13.06
C PHE A 246 -5.78 19.77 13.49
N VAL A 247 -5.65 20.20 14.74
CA VAL A 247 -6.51 21.24 15.30
C VAL A 247 -5.76 22.56 15.27
N VAL A 248 -6.38 23.58 14.67
CA VAL A 248 -5.78 24.89 14.50
C VAL A 248 -6.59 25.91 15.28
N ALA A 249 -5.89 26.80 15.98
CA ALA A 249 -6.53 27.95 16.62
C ALA A 249 -6.67 29.03 15.55
N SER A 250 -7.80 28.99 14.83
CA SER A 250 -8.00 29.86 13.69
C SER A 250 -8.07 31.33 14.07
N SER A 251 -8.42 31.64 15.32
CA SER A 251 -8.55 33.02 15.79
C SER A 251 -7.29 33.54 16.46
N SER A 252 -6.21 32.76 16.49
CA SER A 252 -5.02 33.11 17.24
C SER A 252 -4.00 33.91 16.43
N TYR A 253 -4.43 34.57 15.36
CA TYR A 253 -3.58 35.54 14.70
C TYR A 253 -3.42 36.78 15.58
N ASN A 254 -2.29 37.46 15.41
CA ASN A 254 -1.98 38.65 16.20
C ASN A 254 -1.98 38.34 17.70
N GLN A 262 3.95 33.43 21.36
CA GLN A 262 3.84 33.42 19.91
C GLN A 262 3.14 34.66 19.38
N THR A 263 3.85 35.44 18.57
CA THR A 263 3.26 36.63 17.97
C THR A 263 2.13 36.27 17.01
N ASN A 264 2.31 35.20 16.24
CA ASN A 264 1.32 34.75 15.26
C ASN A 264 1.21 33.24 15.38
N ARG A 265 0.23 32.76 16.14
CA ARG A 265 0.04 31.32 16.29
C ARG A 265 -0.49 30.70 15.01
N LEU A 266 -1.26 31.45 14.22
CA LEU A 266 -1.80 30.90 12.97
C LEU A 266 -0.71 30.57 11.98
N GLN A 267 0.32 31.42 11.88
CA GLN A 267 1.45 31.12 11.02
C GLN A 267 2.24 29.92 11.53
N ALA A 268 2.36 29.77 12.84
CA ALA A 268 3.01 28.58 13.39
C ALA A 268 2.24 27.32 13.03
N ALA A 269 0.90 27.38 13.13
CA ALA A 269 0.08 26.25 12.72
C ALA A 269 0.21 25.98 11.23
N LEU A 270 0.32 27.03 10.41
CA LEU A 270 0.51 26.85 8.98
C LEU A 270 1.83 26.15 8.68
N LYS A 271 2.90 26.55 9.38
CA LYS A 271 4.19 25.91 9.17
C LYS A 271 4.17 24.47 9.65
N LEU A 272 3.52 24.19 10.78
CA LEU A 272 3.43 22.82 11.26
C LEU A 272 2.63 21.95 10.31
N PHE A 273 1.52 22.47 9.79
CA PHE A 273 0.73 21.73 8.80
C PHE A 273 1.52 21.48 7.53
N ASP A 274 2.30 22.47 7.10
CA ASP A 274 3.16 22.27 5.92
C ASP A 274 4.19 21.19 6.16
N SER A 275 4.81 21.18 7.34
CA SER A 275 5.79 20.15 7.68
C SER A 275 5.14 18.77 7.70
N ILE A 276 3.94 18.66 8.28
CA ILE A 276 3.24 17.38 8.31
C ILE A 276 2.88 16.94 6.90
N TRP A 277 2.37 17.86 6.09
CA TRP A 277 1.94 17.54 4.73
C TRP A 277 3.11 17.06 3.88
N ASN A 278 4.26 17.69 4.01
CA ASN A 278 5.41 17.39 3.17
C ASN A 278 6.37 16.37 3.78
N ASN A 279 6.04 15.82 4.95
CA ASN A 279 6.88 14.79 5.54
C ASN A 279 6.76 13.50 4.74
N LYS A 280 7.92 12.87 4.47
CA LYS A 280 7.95 11.71 3.58
C LYS A 280 7.19 10.52 4.15
N TRP A 281 7.06 10.43 5.47
CA TRP A 281 6.31 9.32 6.07
C TRP A 281 4.84 9.65 6.24
N LEU A 282 4.49 10.93 6.37
CA LEU A 282 3.11 11.37 6.44
C LEU A 282 2.55 11.77 5.07
N ARG A 283 3.31 11.51 4.00
CA ARG A 283 2.83 11.80 2.65
C ARG A 283 1.70 10.90 2.20
N ASP A 284 1.50 9.75 2.85
CA ASP A 284 0.38 8.87 2.56
C ASP A 284 -0.69 8.93 3.65
N THR A 285 -0.55 9.82 4.62
CA THR A 285 -1.47 9.93 5.74
C THR A 285 -2.36 11.15 5.53
N SER A 286 -3.68 10.94 5.55
CA SER A 286 -4.60 12.05 5.37
C SER A 286 -4.68 12.89 6.63
N VAL A 287 -5.05 14.16 6.44
CA VAL A 287 -5.16 15.11 7.53
C VAL A 287 -6.59 15.64 7.56
N ILE A 288 -7.22 15.56 8.72
CA ILE A 288 -8.51 16.18 8.98
C ILE A 288 -8.24 17.48 9.70
N LEU A 289 -8.53 18.60 9.04
CA LEU A 289 -8.17 19.91 9.55
C LEU A 289 -9.37 20.53 10.26
N PHE A 290 -9.21 20.82 11.56
CA PHE A 290 -10.24 21.45 12.37
C PHE A 290 -9.80 22.88 12.68
N LEU A 291 -10.31 23.84 11.91
CA LEU A 291 -10.09 25.26 12.20
C LEU A 291 -11.02 25.61 13.37
N ASN A 292 -10.52 25.38 14.58
CA ASN A 292 -11.34 25.16 15.75
C ASN A 292 -11.51 26.40 16.62
N LYS A 293 -11.51 27.59 16.03
CA LYS A 293 -11.74 28.81 16.80
C LYS A 293 -12.68 29.74 16.05
N GLN A 294 -13.72 29.19 15.44
CA GLN A 294 -14.67 30.01 14.69
C GLN A 294 -15.44 30.95 15.60
N ASP A 295 -15.85 30.47 16.78
CA ASP A 295 -16.63 31.30 17.70
C ASP A 295 -15.86 32.49 18.21
N LEU A 296 -14.53 32.37 18.35
CA LEU A 296 -13.71 33.52 18.72
C LEU A 296 -13.27 34.33 17.51
N LEU A 297 -13.09 33.68 16.36
CA LEU A 297 -12.75 34.40 15.14
C LEU A 297 -13.84 35.37 14.75
N ALA A 298 -15.10 34.94 14.86
CA ALA A 298 -16.22 35.82 14.54
C ALA A 298 -16.25 37.05 15.45
N GLU A 299 -16.05 36.84 16.76
CA GLU A 299 -16.04 37.95 17.69
C GLU A 299 -14.87 38.88 17.43
N LYS A 300 -13.70 38.33 17.08
CA LYS A 300 -12.54 39.17 16.82
C LYS A 300 -12.74 40.02 15.57
N VAL A 301 -13.25 39.43 14.49
CA VAL A 301 -13.40 40.18 13.25
C VAL A 301 -14.55 41.18 13.35
N LEU A 302 -15.63 40.81 14.04
CA LEU A 302 -16.75 41.73 14.19
C LEU A 302 -16.38 42.95 15.01
N ALA A 303 -15.63 42.75 16.10
CA ALA A 303 -15.25 43.86 16.97
C ALA A 303 -14.26 44.82 16.33
N GLY A 304 -13.65 44.44 15.21
CA GLY A 304 -12.70 45.30 14.54
C GLY A 304 -11.30 45.27 15.08
N LYS A 305 -11.05 44.49 16.13
CA LYS A 305 -9.71 44.36 16.69
C LYS A 305 -8.88 43.28 16.01
N SER A 306 -9.48 42.50 15.12
CA SER A 306 -8.77 41.43 14.42
C SER A 306 -7.65 42.00 13.55
N LYS A 307 -8.01 42.77 12.53
CA LYS A 307 -7.08 43.37 11.58
C LYS A 307 -6.09 42.34 11.04
N ILE A 308 -6.64 41.35 10.32
CA ILE A 308 -5.83 40.29 9.74
C ILE A 308 -4.87 40.81 8.68
N GLU A 309 -5.18 41.97 8.08
CA GLU A 309 -4.43 42.46 6.94
C GLU A 309 -2.96 42.71 7.27
N ASP A 310 -2.66 43.11 8.50
CA ASP A 310 -1.27 43.41 8.85
C ASP A 310 -0.42 42.14 8.93
N TYR A 311 -0.92 41.11 9.62
CA TYR A 311 -0.21 39.83 9.68
C TYR A 311 -0.35 39.02 8.41
N PHE A 312 -1.30 39.35 7.54
CA PHE A 312 -1.49 38.67 6.26
C PHE A 312 -1.81 39.73 5.22
N PRO A 313 -0.80 40.24 4.50
CA PRO A 313 -1.07 41.23 3.45
C PRO A 313 -1.98 40.71 2.35
N GLU A 314 -1.95 39.41 2.08
CA GLU A 314 -2.83 38.83 1.06
C GLU A 314 -4.30 39.02 1.38
N PHE A 315 -4.64 39.27 2.63
CA PHE A 315 -6.02 39.55 3.02
C PHE A 315 -6.51 40.90 2.53
N ALA A 316 -5.61 41.79 2.08
CA ALA A 316 -6.02 43.08 1.56
C ALA A 316 -6.75 42.96 0.22
N ARG A 317 -6.47 41.91 -0.55
CA ARG A 317 -7.09 41.71 -1.85
C ARG A 317 -7.77 40.36 -1.98
N TYR A 318 -8.01 39.66 -0.87
CA TYR A 318 -8.64 38.36 -0.92
C TYR A 318 -10.15 38.49 -1.16
N THR A 319 -10.65 37.73 -2.12
CA THR A 319 -12.08 37.71 -2.43
C THR A 319 -12.64 36.33 -2.11
N THR A 320 -13.80 36.30 -1.46
CA THR A 320 -14.40 35.05 -1.05
C THR A 320 -14.74 34.21 -2.29
N PRO A 321 -14.39 32.92 -2.31
CA PRO A 321 -14.74 32.10 -3.47
C PRO A 321 -16.24 31.94 -3.62
N GLU A 322 -16.67 31.76 -4.87
CA GLU A 322 -18.10 31.64 -5.16
C GLU A 322 -18.70 30.39 -4.50
N ASP A 323 -17.97 29.27 -4.57
CA ASP A 323 -18.49 28.03 -4.02
C ASP A 323 -18.56 28.03 -2.49
N ALA A 324 -17.95 29.01 -1.84
CA ALA A 324 -17.98 29.07 -0.38
C ALA A 324 -19.41 29.25 0.12
N THR A 325 -19.81 28.44 1.09
CA THR A 325 -21.15 28.49 1.65
C THR A 325 -21.08 29.06 3.06
N PRO A 326 -21.47 30.30 3.29
CA PRO A 326 -21.44 30.85 4.64
C PRO A 326 -22.56 30.28 5.50
N GLU A 327 -22.32 30.28 6.81
CA GLU A 327 -23.34 29.85 7.75
C GLU A 327 -24.49 30.87 7.75
N PRO A 328 -25.71 30.42 8.07
CA PRO A 328 -26.83 31.36 8.16
C PRO A 328 -26.58 32.43 9.22
N GLY A 329 -26.98 33.65 8.90
CA GLY A 329 -26.79 34.76 9.82
C GLY A 329 -25.34 35.10 10.11
N GLU A 330 -24.45 34.94 9.14
CA GLU A 330 -23.04 35.20 9.34
C GLU A 330 -22.62 36.47 8.60
N ASP A 331 -21.87 37.33 9.29
CA ASP A 331 -21.38 38.55 8.67
C ASP A 331 -20.41 38.20 7.53
N PRO A 332 -20.44 38.94 6.43
CA PRO A 332 -19.54 38.60 5.30
C PRO A 332 -18.06 38.62 5.66
N ARG A 333 -17.65 39.50 6.57
CA ARG A 333 -16.24 39.55 6.95
C ARG A 333 -15.82 38.28 7.68
N VAL A 334 -16.70 37.72 8.50
CA VAL A 334 -16.39 36.48 9.20
C VAL A 334 -16.13 35.35 8.21
N THR A 335 -17.03 35.20 7.22
CA THR A 335 -16.87 34.20 6.19
C THR A 335 -15.60 34.44 5.39
N ARG A 336 -15.34 35.70 5.04
CA ARG A 336 -14.14 36.04 4.28
C ARG A 336 -12.88 35.63 5.04
N ALA A 337 -12.81 35.94 6.33
CA ALA A 337 -11.62 35.61 7.12
C ALA A 337 -11.46 34.11 7.28
N LYS A 338 -12.54 33.40 7.62
CA LYS A 338 -12.44 31.97 7.85
C LYS A 338 -12.05 31.24 6.58
N TYR A 339 -12.62 31.65 5.44
CA TYR A 339 -12.25 31.01 4.18
C TYR A 339 -10.88 31.46 3.69
N PHE A 340 -10.40 32.64 4.11
CA PHE A 340 -9.02 33.02 3.82
C PHE A 340 -8.04 32.09 4.53
N ILE A 341 -8.28 31.82 5.81
CA ILE A 341 -7.42 30.91 6.55
C ILE A 341 -7.49 29.50 5.96
N ARG A 342 -8.71 29.05 5.65
CA ARG A 342 -8.86 27.75 4.99
C ARG A 342 -8.15 27.72 3.65
N ASP A 343 -8.15 28.84 2.92
CA ASP A 343 -7.49 28.90 1.62
C ASP A 343 -5.98 28.87 1.77
N GLU A 344 -5.44 29.46 2.84
CA GLU A 344 -4.02 29.33 3.10
C GLU A 344 -3.65 27.87 3.37
N PHE A 345 -4.45 27.19 4.18
CA PHE A 345 -4.18 25.78 4.46
C PHE A 345 -4.31 24.93 3.20
N LEU A 346 -5.29 25.23 2.35
CA LEU A 346 -5.45 24.51 1.10
C LEU A 346 -4.40 24.86 0.06
N ARG A 347 -3.84 26.07 0.12
CA ARG A 347 -2.69 26.42 -0.72
C ARG A 347 -1.48 25.58 -0.32
N ILE A 348 -1.30 25.37 0.98
CA ILE A 348 -0.25 24.45 1.43
C ILE A 348 -0.55 23.04 0.95
N SER A 349 -1.78 22.58 1.13
CA SER A 349 -2.09 21.16 0.92
C SER A 349 -2.08 20.80 -0.57
N THR A 350 -2.69 21.63 -1.41
CA THR A 350 -2.81 21.30 -2.83
C THR A 350 -1.47 21.36 -3.56
N ALA A 351 -0.46 21.98 -2.96
CA ALA A 351 0.88 22.00 -3.54
C ALA A 351 1.53 20.63 -3.29
N SER A 352 1.69 19.85 -4.36
CA SER A 352 2.28 18.52 -4.31
C SER A 352 1.44 17.59 -3.42
N GLY A 353 0.17 17.44 -3.81
CA GLY A 353 -0.72 16.51 -3.14
C GLY A 353 -0.74 15.14 -3.80
N ASP A 354 -0.96 15.12 -5.12
CA ASP A 354 -0.89 13.95 -6.00
C ASP A 354 -1.94 12.88 -5.70
N GLY A 355 -2.83 13.11 -4.75
CA GLY A 355 -3.89 12.15 -4.47
C GLY A 355 -3.51 11.01 -3.56
N ARG A 356 -2.27 10.97 -3.06
CA ARG A 356 -1.89 9.94 -2.10
C ARG A 356 -2.49 10.21 -0.72
N HIS A 357 -2.53 11.48 -0.31
CA HIS A 357 -3.12 11.88 0.94
C HIS A 357 -3.98 13.11 0.70
N TYR A 358 -4.98 13.30 1.55
CA TYR A 358 -5.97 14.34 1.35
C TYR A 358 -6.11 15.17 2.62
N CYS A 359 -6.55 16.41 2.43
CA CYS A 359 -6.82 17.33 3.53
C CYS A 359 -8.31 17.58 3.59
N TYR A 360 -8.87 17.54 4.80
CA TYR A 360 -10.29 17.74 5.03
C TYR A 360 -10.46 18.95 5.96
N PRO A 361 -10.56 20.16 5.42
CA PRO A 361 -10.74 21.33 6.27
C PRO A 361 -12.17 21.42 6.79
N HIS A 362 -12.29 21.73 8.08
CA HIS A 362 -13.58 21.91 8.71
C HIS A 362 -13.56 23.15 9.58
N PHE A 363 -14.70 23.83 9.67
CA PHE A 363 -14.85 24.99 10.54
C PHE A 363 -15.56 24.51 11.81
N THR A 364 -14.77 24.23 12.84
CA THR A 364 -15.27 23.59 14.05
C THR A 364 -15.17 24.53 15.24
N CYS A 365 -15.85 24.13 16.32
CA CYS A 365 -15.73 24.77 17.61
C CYS A 365 -15.35 23.72 18.65
N ALA A 366 -14.78 24.18 19.76
CA ALA A 366 -14.26 23.24 20.75
C ALA A 366 -15.36 22.38 21.36
N VAL A 367 -16.58 22.91 21.45
CA VAL A 367 -17.69 22.18 22.07
C VAL A 367 -18.66 21.62 21.02
N ASP A 368 -18.24 21.54 19.76
CA ASP A 368 -19.11 20.99 18.73
C ASP A 368 -19.36 19.51 18.96
N THR A 369 -20.61 19.09 18.79
CA THR A 369 -20.96 17.68 18.91
C THR A 369 -20.85 16.93 17.59
N GLU A 370 -20.58 17.62 16.50
CA GLU A 370 -20.48 17.00 15.18
C GLU A 370 -19.06 16.59 14.83
N ASN A 371 -18.09 16.81 15.73
CA ASN A 371 -16.70 16.48 15.43
C ASN A 371 -16.51 14.98 15.26
N ILE A 372 -17.19 14.18 16.08
CA ILE A 372 -17.11 12.73 15.93
C ILE A 372 -17.67 12.29 14.58
N ARG A 373 -18.80 12.87 14.17
CA ARG A 373 -19.38 12.54 12.88
C ARG A 373 -18.50 13.01 11.73
N ARG A 374 -17.89 14.19 11.87
CA ARG A 374 -16.98 14.69 10.85
C ARG A 374 -15.78 13.76 10.68
N VAL A 375 -15.20 13.33 11.79
CA VAL A 375 -14.06 12.41 11.72
C VAL A 375 -14.49 11.08 11.12
N PHE A 376 -15.67 10.58 11.51
CA PHE A 376 -16.16 9.32 10.97
C PHE A 376 -16.35 9.39 9.46
N ASN A 377 -17.00 10.46 8.98
CA ASN A 377 -17.21 10.61 7.55
C ASN A 377 -15.91 10.79 6.80
N ASP A 378 -14.98 11.57 7.35
CA ASP A 378 -13.69 11.77 6.69
C ASP A 378 -12.90 10.47 6.63
N CYS A 379 -12.96 9.65 7.69
CA CYS A 379 -12.26 8.37 7.68
C CYS A 379 -12.89 7.40 6.68
N ARG A 380 -14.22 7.42 6.58
CA ARG A 380 -14.89 6.63 5.55
C ARG A 380 -14.44 7.05 4.16
N ASP A 381 -14.35 8.36 3.93
CA ASP A 381 -13.87 8.87 2.64
C ASP A 381 -12.42 8.44 2.39
N ILE A 382 -11.58 8.50 3.42
CA ILE A 382 -10.18 8.10 3.29
C ILE A 382 -10.08 6.64 2.91
N ILE A 383 -10.85 5.78 3.57
CA ILE A 383 -10.79 4.34 3.31
C ILE A 383 -11.31 4.04 1.90
N GLN A 384 -12.40 4.72 1.50
CA GLN A 384 -12.93 4.53 0.15
C GLN A 384 -11.91 4.96 -0.90
N ARG A 385 -11.25 6.09 -0.70
CA ARG A 385 -10.26 6.55 -1.66
C ARG A 385 -9.06 5.62 -1.70
N MET A 386 -8.67 5.06 -0.55
CA MET A 386 -7.59 4.06 -0.54
C MET A 386 -7.99 2.84 -1.35
N HIS A 387 -9.22 2.36 -1.17
CA HIS A 387 -9.69 1.21 -1.93
C HIS A 387 -9.72 1.51 -3.42
N LEU A 388 -10.18 2.70 -3.80
CA LEU A 388 -10.20 3.07 -5.21
C LEU A 388 -8.79 3.23 -5.78
N ARG A 389 -7.84 3.66 -4.95
CA ARG A 389 -6.44 3.68 -5.39
C ARG A 389 -5.88 2.29 -5.55
N GLN A 390 -6.36 1.32 -4.77
CA GLN A 390 -5.95 -0.06 -4.95
C GLN A 390 -6.32 -0.58 -6.33
N TYR A 391 -7.53 -0.26 -6.79
CA TYR A 391 -8.00 -0.66 -8.11
C TYR A 391 -7.52 0.29 -9.21
N GLU A 392 -6.66 1.24 -8.88
CA GLU A 392 -6.12 2.21 -9.83
C GLU A 392 -7.23 3.02 -10.50
N LEU A 393 -8.29 3.32 -9.76
CA LEU A 393 -9.36 4.17 -10.26
C LEU A 393 -9.19 5.63 -9.88
N LEU A 394 -8.18 5.95 -9.07
CA LEU A 394 -7.92 7.34 -8.70
C LEU A 394 -6.43 7.61 -8.70
N GLU B 3 29.12 35.87 34.67
CA GLU B 3 28.54 36.44 33.45
C GLU B 3 28.41 35.37 32.36
N LEU B 4 27.26 35.37 31.68
CA LEU B 4 27.03 34.40 30.63
C LEU B 4 27.93 34.63 29.43
N ASP B 5 28.29 35.88 29.15
CA ASP B 5 29.18 36.17 28.03
C ASP B 5 30.56 35.57 28.25
N GLN B 6 31.08 35.69 29.49
CA GLN B 6 32.37 35.10 29.81
C GLN B 6 32.32 33.58 29.68
N LEU B 7 31.24 32.95 30.13
CA LEU B 7 31.11 31.51 29.98
C LEU B 7 31.05 31.11 28.51
N ARG B 8 30.34 31.89 27.69
CA ARG B 8 30.29 31.61 26.26
C ARG B 8 31.67 31.71 25.63
N GLN B 9 32.43 32.75 25.99
CA GLN B 9 33.79 32.90 25.45
C GLN B 9 34.69 31.76 25.89
N GLU B 10 34.59 31.35 27.16
CA GLU B 10 35.38 30.23 27.64
C GLU B 10 35.01 28.95 26.91
N ALA B 11 33.72 28.73 26.69
CA ALA B 11 33.27 27.55 25.97
C ALA B 11 33.78 27.53 24.54
N GLU B 12 33.75 28.69 23.87
CA GLU B 12 34.28 28.77 22.51
C GLU B 12 35.78 28.48 22.49
N GLN B 13 36.53 29.03 23.46
CA GLN B 13 37.96 28.76 23.52
C GLN B 13 38.22 27.28 23.77
N LEU B 14 37.46 26.65 24.67
CA LEU B 14 37.64 25.23 24.95
C LEU B 14 37.29 24.39 23.73
N LYS B 15 36.24 24.76 23.00
CA LYS B 15 35.88 24.03 21.79
C LYS B 15 36.97 24.13 20.73
N ASN B 16 37.55 25.33 20.56
CA ASN B 16 38.65 25.49 19.63
C ASN B 16 39.86 24.67 20.06
N GLN B 17 40.15 24.65 21.36
CA GLN B 17 41.26 23.83 21.85
C GLN B 17 41.02 22.35 21.60
N ILE B 18 39.78 21.89 21.81
CA ILE B 18 39.45 20.50 21.57
C ILE B 18 39.60 20.16 20.09
N ARG B 19 39.14 21.06 19.21
CA ARG B 19 39.29 20.83 17.78
C ARG B 19 40.75 20.77 17.38
N ASP B 20 41.57 21.68 17.93
CA ASP B 20 43.00 21.66 17.61
C ASP B 20 43.67 20.38 18.12
N ALA B 21 43.31 19.93 19.32
CA ALA B 21 43.87 18.69 19.86
C ALA B 21 43.46 17.49 19.01
N ARG B 22 42.20 17.46 18.56
CA ARG B 22 41.76 16.39 17.68
C ARG B 22 42.51 16.42 16.34
N LYS B 23 42.73 17.62 15.80
CA LYS B 23 43.44 17.73 14.54
C LYS B 23 44.91 17.33 14.69
N ALA B 24 45.49 17.56 15.87
CA ALA B 24 46.89 17.19 16.10
C ALA B 24 47.07 15.68 16.01
N CYS B 25 46.12 14.91 16.54
CA CYS B 25 46.20 13.46 16.54
C CYS B 25 45.68 12.83 15.26
N ALA B 26 45.45 13.62 14.22
CA ALA B 26 44.83 13.12 12.99
C ALA B 26 45.78 13.22 11.81
N ASP B 27 47.03 12.83 12.00
CA ASP B 27 48.02 12.87 10.93
C ASP B 27 47.89 11.69 9.97
N ALA B 28 47.14 10.65 10.33
CA ALA B 28 46.98 9.48 9.49
C ALA B 28 45.49 9.17 9.32
N THR B 29 45.08 8.96 8.07
CA THR B 29 43.71 8.59 7.78
C THR B 29 43.53 7.08 7.90
N LEU B 30 42.26 6.66 8.03
CA LEU B 30 41.97 5.24 8.12
C LEU B 30 42.28 4.52 6.81
N SER B 31 42.04 5.19 5.68
CA SER B 31 42.28 4.57 4.38
C SER B 31 43.76 4.25 4.18
N GLN B 32 44.64 5.17 4.57
CA GLN B 32 46.07 4.91 4.44
C GLN B 32 46.50 3.73 5.29
N ILE B 33 45.92 3.60 6.49
CA ILE B 33 46.27 2.50 7.38
C ILE B 33 45.75 1.17 6.83
N THR B 34 44.53 1.18 6.29
CA THR B 34 43.87 -0.05 5.85
C THR B 34 44.15 -0.39 4.39
N ASN B 35 44.97 0.41 3.70
CA ASN B 35 45.35 0.08 2.33
C ASN B 35 46.04 -1.28 2.22
N ASN B 36 46.61 -1.78 3.31
CA ASN B 36 47.26 -3.08 3.33
C ASN B 36 46.27 -4.24 3.35
N ILE B 37 44.97 -3.96 3.51
CA ILE B 37 43.94 -4.98 3.61
C ILE B 37 43.12 -4.98 2.32
N ASP B 38 42.96 -6.16 1.73
CA ASP B 38 42.23 -6.30 0.48
C ASP B 38 40.73 -6.13 0.70
N PRO B 39 40.01 -5.65 -0.31
CA PRO B 39 38.55 -5.53 -0.18
C PRO B 39 37.88 -6.89 -0.04
N VAL B 40 36.75 -6.91 0.67
CA VAL B 40 36.04 -8.15 0.89
C VAL B 40 35.21 -8.57 -0.31
N GLY B 41 34.96 -7.66 -1.26
CA GLY B 41 34.15 -7.98 -2.41
C GLY B 41 32.66 -7.93 -2.10
N ARG B 42 31.88 -8.37 -3.08
CA ARG B 42 30.43 -8.38 -2.94
C ARG B 42 30.01 -9.38 -1.86
N ILE B 43 29.10 -8.94 -0.99
CA ILE B 43 28.57 -9.79 0.07
C ILE B 43 27.14 -10.14 -0.32
N GLN B 44 26.96 -11.36 -0.84
CA GLN B 44 25.67 -11.81 -1.34
C GLN B 44 24.96 -12.62 -0.26
N MET B 45 24.23 -11.91 0.59
CA MET B 45 23.37 -12.56 1.56
C MET B 45 22.04 -12.93 0.92
N ARG B 46 21.39 -13.95 1.48
CA ARG B 46 20.08 -14.40 1.04
C ARG B 46 19.16 -14.53 2.23
N THR B 47 17.87 -14.31 2.02
CA THR B 47 16.90 -14.49 3.08
C THR B 47 16.65 -15.98 3.29
N ARG B 48 16.84 -16.43 4.53
CA ARG B 48 16.62 -17.81 4.92
C ARG B 48 15.28 -18.02 5.63
N ARG B 49 14.96 -17.15 6.58
CA ARG B 49 13.69 -17.19 7.28
C ARG B 49 13.00 -15.85 7.15
N THR B 50 11.67 -15.89 7.03
CA THR B 50 10.84 -14.69 7.05
C THR B 50 9.75 -14.90 8.09
N LEU B 51 9.80 -14.13 9.16
CA LEU B 51 8.86 -14.27 10.26
C LEU B 51 7.62 -13.43 9.97
N ARG B 52 6.46 -14.07 9.98
CA ARG B 52 5.19 -13.41 9.70
C ARG B 52 4.26 -13.55 10.90
N GLY B 53 3.48 -12.50 11.14
CA GLY B 53 2.59 -12.49 12.29
C GLY B 53 2.44 -11.13 12.91
N HIS B 54 3.43 -10.26 12.75
CA HIS B 54 3.27 -8.87 13.16
C HIS B 54 2.31 -8.15 12.23
N LEU B 55 1.45 -7.31 12.80
CA LEU B 55 0.39 -6.65 12.06
C LEU B 55 0.77 -5.27 11.55
N ALA B 56 1.58 -4.54 12.30
CA ALA B 56 1.95 -3.17 11.97
C ALA B 56 3.46 -3.10 11.74
N LYS B 57 3.95 -1.87 11.56
CA LYS B 57 5.37 -1.67 11.34
C LYS B 57 6.16 -2.08 12.58
N ILE B 58 7.28 -2.76 12.37
CA ILE B 58 8.09 -3.28 13.45
C ILE B 58 9.16 -2.26 13.80
N TYR B 59 9.20 -1.84 15.07
CA TYR B 59 10.16 -0.83 15.47
C TYR B 59 11.46 -1.39 16.03
N ALA B 60 11.41 -2.49 16.77
CA ALA B 60 12.64 -3.00 17.33
C ALA B 60 12.60 -4.53 17.37
N MET B 61 13.78 -5.12 17.26
CA MET B 61 13.99 -6.52 17.57
C MET B 61 15.27 -6.63 18.38
N HIS B 62 15.39 -7.71 19.15
CA HIS B 62 16.61 -7.92 19.88
C HIS B 62 16.87 -9.43 19.99
N TRP B 63 18.06 -9.84 19.59
CA TRP B 63 18.45 -11.23 19.63
C TRP B 63 18.61 -11.72 21.07
N GLY B 64 18.55 -13.04 21.23
CA GLY B 64 18.92 -13.65 22.48
C GLY B 64 20.38 -14.03 22.53
N THR B 65 20.88 -14.29 23.74
CA THR B 65 22.27 -14.72 23.88
C THR B 65 22.48 -16.11 23.28
N ASP B 66 21.45 -16.96 23.32
CA ASP B 66 21.54 -18.26 22.68
C ASP B 66 21.57 -18.17 21.16
N SER B 67 21.26 -16.99 20.60
CA SER B 67 21.31 -16.70 19.18
C SER B 67 20.31 -17.51 18.37
N ARG B 68 19.22 -17.95 18.98
CA ARG B 68 18.20 -18.70 18.26
C ARG B 68 16.82 -18.10 18.54
N LEU B 69 16.66 -17.48 19.70
CA LEU B 69 15.41 -16.83 20.08
C LEU B 69 15.57 -15.32 20.00
N LEU B 70 14.54 -14.65 19.47
CA LEU B 70 14.60 -13.20 19.35
C LEU B 70 13.23 -12.60 19.65
N VAL B 71 13.23 -11.47 20.34
CA VAL B 71 12.01 -10.73 20.61
C VAL B 71 11.87 -9.64 19.56
N SER B 72 10.62 -9.34 19.19
CA SER B 72 10.34 -8.31 18.21
C SER B 72 9.13 -7.51 18.65
N ALA B 73 9.20 -6.18 18.49
CA ALA B 73 8.16 -5.27 18.92
C ALA B 73 7.53 -4.60 17.71
N SER B 74 6.21 -4.69 17.62
CA SER B 74 5.49 -4.07 16.51
C SER B 74 4.54 -3.00 17.04
N GLN B 75 4.21 -2.06 16.16
CA GLN B 75 3.31 -0.96 16.52
C GLN B 75 1.86 -1.41 16.66
N ASP B 76 1.58 -2.69 16.45
CA ASP B 76 0.25 -3.24 16.71
C ASP B 76 0.03 -3.57 18.18
N GLY B 77 1.05 -3.39 19.02
CA GLY B 77 0.93 -3.69 20.43
C GLY B 77 1.29 -5.12 20.75
N LYS B 78 2.34 -5.64 20.10
CA LYS B 78 2.73 -7.03 20.29
C LYS B 78 4.24 -7.15 20.41
N LEU B 79 4.67 -7.86 21.46
CA LEU B 79 6.03 -8.38 21.57
C LEU B 79 5.98 -9.86 21.24
N ILE B 80 6.41 -10.24 20.05
CA ILE B 80 6.43 -11.64 19.65
C ILE B 80 7.84 -12.18 19.83
N ILE B 81 7.94 -13.28 20.56
CA ILE B 81 9.21 -13.95 20.83
C ILE B 81 9.27 -15.17 19.94
N TRP B 82 10.26 -15.17 19.05
CA TRP B 82 10.39 -16.07 17.93
C TRP B 82 11.49 -17.08 18.20
N ASP B 83 11.25 -18.32 17.82
CA ASP B 83 12.33 -19.31 17.66
C ASP B 83 12.76 -19.22 16.20
N SER B 84 13.88 -18.55 15.94
CA SER B 84 14.26 -18.25 14.57
C SER B 84 14.61 -19.50 13.79
N TYR B 85 15.06 -20.56 14.47
CA TYR B 85 15.45 -21.79 13.77
C TYR B 85 14.24 -22.45 13.11
N THR B 86 13.17 -22.66 13.87
CA THR B 86 11.97 -23.34 13.38
C THR B 86 10.83 -22.38 13.04
N THR B 87 11.06 -21.08 13.11
CA THR B 87 10.11 -20.01 12.79
C THR B 87 8.96 -19.96 13.81
N ASN B 88 8.88 -20.93 14.72
CA ASN B 88 7.77 -21.00 15.65
C ASN B 88 7.79 -19.84 16.62
N LYS B 89 6.63 -19.22 16.83
CA LYS B 89 6.48 -18.18 17.85
C LYS B 89 6.47 -18.85 19.22
N VAL B 90 7.39 -18.44 20.08
CA VAL B 90 7.45 -18.99 21.44
C VAL B 90 6.56 -18.19 22.38
N HIS B 91 6.51 -16.88 22.22
CA HIS B 91 5.62 -16.05 23.04
C HIS B 91 4.97 -14.99 22.17
N ALA B 92 3.85 -14.47 22.66
CA ALA B 92 3.18 -13.33 22.03
C ALA B 92 2.57 -12.51 23.18
N ILE B 93 3.28 -11.48 23.60
CA ILE B 93 2.89 -10.64 24.73
C ILE B 93 2.07 -9.47 24.18
N PRO B 94 0.81 -9.31 24.58
CA PRO B 94 0.07 -8.10 24.21
C PRO B 94 0.49 -6.94 25.10
N LEU B 95 0.87 -5.83 24.47
CA LEU B 95 1.38 -4.67 25.18
C LEU B 95 0.25 -3.72 25.55
N ARG B 96 0.36 -3.10 26.72
CA ARG B 96 -0.66 -2.15 27.16
C ARG B 96 -0.73 -0.95 26.23
N SER B 97 0.42 -0.47 25.77
CA SER B 97 0.49 0.62 24.80
C SER B 97 1.07 0.08 23.50
N SER B 98 0.36 0.33 22.41
CA SER B 98 0.77 -0.19 21.10
C SER B 98 1.84 0.66 20.44
N TRP B 99 2.22 1.78 21.03
CA TRP B 99 3.23 2.67 20.46
C TRP B 99 4.61 2.34 21.01
N VAL B 100 5.02 1.09 20.83
CA VAL B 100 6.31 0.63 21.33
C VAL B 100 7.38 0.90 20.28
N MET B 101 8.46 1.56 20.71
CA MET B 101 9.53 1.98 19.81
C MET B 101 10.83 1.23 20.07
N THR B 102 10.89 0.43 21.13
CA THR B 102 12.11 -0.30 21.45
C THR B 102 11.74 -1.56 22.24
N CYS B 103 12.65 -2.52 22.21
CA CYS B 103 12.49 -3.76 22.98
C CYS B 103 13.87 -4.36 23.21
N ALA B 104 14.00 -5.03 24.36
CA ALA B 104 15.24 -5.70 24.71
C ALA B 104 14.93 -7.09 25.23
N TYR B 105 15.92 -7.97 25.13
CA TYR B 105 15.81 -9.34 25.60
C TYR B 105 16.90 -9.55 26.63
N ALA B 106 16.52 -10.03 27.82
CA ALA B 106 17.47 -10.11 28.92
C ALA B 106 18.61 -11.08 28.58
N PRO B 107 19.84 -10.78 28.99
CA PRO B 107 20.95 -11.72 28.73
C PRO B 107 20.72 -13.11 29.29
N SER B 108 20.08 -13.21 30.46
CA SER B 108 19.71 -14.51 30.99
C SER B 108 18.55 -15.14 30.22
N GLY B 109 17.79 -14.33 29.48
CA GLY B 109 16.66 -14.82 28.71
C GLY B 109 15.37 -14.95 29.49
N ASN B 110 15.37 -14.65 30.78
CA ASN B 110 14.18 -14.80 31.60
C ASN B 110 13.24 -13.61 31.51
N TYR B 111 13.69 -12.49 30.94
CA TYR B 111 12.91 -11.26 30.91
C TYR B 111 12.99 -10.64 29.53
N VAL B 112 11.97 -9.85 29.20
CA VAL B 112 11.99 -8.97 28.05
C VAL B 112 11.57 -7.58 28.51
N ALA B 113 11.94 -6.58 27.73
CA ALA B 113 11.59 -5.20 28.01
C ALA B 113 10.97 -4.56 26.78
N CYS B 114 10.11 -3.57 27.02
CA CYS B 114 9.57 -2.79 25.92
C CYS B 114 9.26 -1.40 26.44
N GLY B 115 9.10 -0.46 25.52
CA GLY B 115 8.74 0.90 25.88
C GLY B 115 8.57 1.73 24.63
N GLY B 116 8.01 2.93 24.82
CA GLY B 116 7.74 3.78 23.69
C GLY B 116 7.13 5.11 24.06
N LEU B 117 6.08 5.50 23.34
CA LEU B 117 5.46 6.79 23.55
C LEU B 117 4.80 6.93 24.91
N ASP B 118 4.61 5.83 25.65
CA ASP B 118 3.98 5.88 26.96
C ASP B 118 4.96 6.26 28.08
N ASN B 119 6.23 6.47 27.76
CA ASN B 119 7.27 6.91 28.70
C ASN B 119 7.56 5.89 29.79
N ILE B 120 7.22 4.63 29.58
CA ILE B 120 7.34 3.60 30.60
C ILE B 120 8.10 2.41 30.02
N CYS B 121 9.00 1.83 30.80
CA CYS B 121 9.70 0.60 30.45
C CYS B 121 9.02 -0.56 31.17
N SER B 122 8.44 -1.47 30.39
CA SER B 122 7.73 -2.63 30.94
C SER B 122 8.62 -3.85 30.82
N ILE B 123 8.82 -4.54 31.94
CA ILE B 123 9.63 -5.76 32.01
C ILE B 123 8.69 -6.93 32.24
N TYR B 124 8.76 -7.92 31.35
CA TYR B 124 7.92 -9.10 31.39
C TYR B 124 8.79 -10.32 31.69
N ASN B 125 8.23 -11.27 32.45
CA ASN B 125 8.92 -12.49 32.85
C ASN B 125 8.58 -13.61 31.88
N LEU B 126 9.61 -14.27 31.35
CA LEU B 126 9.43 -15.39 30.44
C LEU B 126 9.52 -16.75 31.12
N LYS B 127 9.76 -16.77 32.43
CA LYS B 127 9.97 -18.01 33.17
C LYS B 127 9.09 -18.04 34.41
N THR B 128 7.82 -17.70 34.23
CA THR B 128 6.88 -17.69 35.35
C THR B 128 6.57 -19.12 35.81
N ARG B 129 6.04 -19.21 37.03
CA ARG B 129 5.65 -20.52 37.55
C ARG B 129 4.53 -21.13 36.72
N GLU B 130 3.55 -20.31 36.31
CA GLU B 130 2.50 -20.78 35.42
C GLU B 130 3.00 -21.06 34.01
N GLY B 131 4.05 -20.36 33.57
CA GLY B 131 4.58 -20.51 32.23
C GLY B 131 4.13 -19.47 31.25
N ASN B 132 3.16 -18.62 31.61
CA ASN B 132 2.69 -17.57 30.73
C ASN B 132 3.40 -16.25 31.03
N VAL B 133 3.41 -15.37 30.05
CA VAL B 133 4.07 -14.08 30.16
C VAL B 133 3.14 -13.09 30.87
N ARG B 134 3.67 -12.43 31.90
CA ARG B 134 2.91 -11.47 32.69
C ARG B 134 3.76 -10.24 32.95
N VAL B 135 3.09 -9.12 33.21
CA VAL B 135 3.78 -7.88 33.53
C VAL B 135 4.49 -8.04 34.86
N SER B 136 5.81 -7.88 34.87
CA SER B 136 6.59 -8.07 36.07
C SER B 136 7.13 -6.78 36.68
N ARG B 137 7.40 -5.77 35.87
CA ARG B 137 7.93 -4.53 36.42
C ARG B 137 7.55 -3.37 35.51
N GLU B 138 7.26 -2.23 36.11
CA GLU B 138 6.99 -0.99 35.39
C GLU B 138 7.98 0.07 35.88
N LEU B 139 8.75 0.63 34.96
CA LEU B 139 9.75 1.64 35.26
C LEU B 139 9.28 2.95 34.64
N ALA B 140 8.84 3.88 35.50
CA ALA B 140 8.36 5.18 35.08
C ALA B 140 9.24 6.27 35.67
N GLY B 141 9.31 7.40 34.96
CA GLY B 141 10.16 8.49 35.38
C GLY B 141 10.77 9.27 34.23
N HIS B 142 10.68 8.72 33.02
CA HIS B 142 11.09 9.45 31.83
C HIS B 142 9.97 10.39 31.40
N THR B 143 10.34 11.61 31.02
CA THR B 143 9.38 12.60 30.57
C THR B 143 9.32 12.72 29.05
N GLY B 144 9.96 11.80 28.34
CA GLY B 144 9.87 11.75 26.90
C GLY B 144 9.78 10.31 26.45
N TYR B 145 9.41 10.13 25.18
CA TYR B 145 9.20 8.79 24.65
C TYR B 145 10.45 7.94 24.82
N LEU B 146 10.26 6.68 25.21
CA LEU B 146 11.36 5.76 25.44
C LEU B 146 11.81 5.23 24.08
N SER B 147 13.04 5.58 23.68
CA SER B 147 13.51 5.24 22.35
C SER B 147 14.42 4.03 22.32
N CYS B 148 15.07 3.70 23.43
CA CYS B 148 15.94 2.53 23.48
C CYS B 148 16.01 2.03 24.92
N CYS B 149 16.28 0.75 25.05
CA CYS B 149 16.44 0.11 26.36
C CYS B 149 17.35 -1.09 26.19
N ARG B 150 18.21 -1.30 27.18
CA ARG B 150 19.16 -2.41 27.15
C ARG B 150 19.36 -2.95 28.55
N PHE B 151 19.20 -4.26 28.71
CA PHE B 151 19.50 -4.90 29.99
C PHE B 151 21.00 -4.92 30.23
N LEU B 152 21.38 -4.65 31.48
CA LEU B 152 22.74 -4.96 31.92
C LEU B 152 22.82 -6.33 32.56
N ASP B 153 21.79 -6.70 33.31
CA ASP B 153 21.66 -8.03 33.91
C ASP B 153 20.17 -8.26 34.19
N ASP B 154 19.87 -9.25 35.03
CA ASP B 154 18.48 -9.51 35.39
C ASP B 154 17.89 -8.36 36.20
N ASN B 155 18.73 -7.55 36.84
CA ASN B 155 18.28 -6.58 37.83
C ASN B 155 18.53 -5.13 37.43
N GLN B 156 19.31 -4.87 36.39
CA GLN B 156 19.61 -3.51 35.97
C GLN B 156 19.29 -3.34 34.48
N ILE B 157 18.77 -2.18 34.12
CA ILE B 157 18.47 -1.87 32.72
C ILE B 157 18.88 -0.43 32.43
N VAL B 158 19.36 -0.18 31.23
CA VAL B 158 19.70 1.17 30.78
C VAL B 158 18.75 1.56 29.65
N THR B 159 18.21 2.77 29.72
CA THR B 159 17.20 3.25 28.79
C THR B 159 17.56 4.66 28.33
N SER B 160 17.06 5.02 27.14
CA SER B 160 17.22 6.37 26.62
C SER B 160 15.85 6.91 26.24
N SER B 161 15.67 8.21 26.42
CA SER B 161 14.35 8.79 26.24
C SER B 161 14.44 10.02 25.34
N GLY B 162 13.29 10.40 24.80
CA GLY B 162 13.17 11.63 24.05
C GLY B 162 13.25 12.89 24.89
N ASP B 163 13.33 12.75 26.21
CA ASP B 163 13.51 13.89 27.10
C ASP B 163 14.97 14.30 27.26
N THR B 164 15.82 13.94 26.30
CA THR B 164 17.25 14.25 26.21
C THR B 164 18.07 13.58 27.32
N THR B 165 17.54 12.53 27.97
CA THR B 165 18.24 11.88 29.07
C THR B 165 18.23 10.37 28.91
N CYS B 166 19.23 9.74 29.54
CA CYS B 166 19.29 8.31 29.70
C CYS B 166 19.17 7.98 31.19
N ALA B 167 18.71 6.77 31.49
CA ALA B 167 18.46 6.37 32.86
C ALA B 167 18.84 4.91 33.10
N LEU B 168 19.55 4.67 34.19
CA LEU B 168 19.87 3.33 34.66
C LEU B 168 18.94 3.00 35.83
N TRP B 169 18.17 1.92 35.67
CA TRP B 169 17.14 1.52 36.61
C TRP B 169 17.50 0.19 37.26
N ASP B 170 17.25 0.11 38.57
CA ASP B 170 17.27 -1.15 39.31
C ASP B 170 15.87 -1.76 39.21
N ILE B 171 15.79 -2.95 38.62
CA ILE B 171 14.49 -3.56 38.35
C ILE B 171 13.80 -4.03 39.62
N GLU B 172 14.56 -4.49 40.61
CA GLU B 172 13.95 -5.05 41.82
C GLU B 172 13.10 -4.03 42.55
N THR B 173 13.60 -2.80 42.68
CA THR B 173 12.88 -1.75 43.37
C THR B 173 12.16 -0.80 42.43
N GLY B 174 12.54 -0.77 41.16
CA GLY B 174 11.94 0.15 40.20
C GLY B 174 12.49 1.56 40.25
N GLN B 175 13.51 1.80 41.06
CA GLN B 175 14.04 3.15 41.25
C GLN B 175 15.12 3.45 40.21
N GLN B 176 15.24 4.74 39.88
CA GLN B 176 16.27 5.20 38.95
C GLN B 176 17.62 5.22 39.67
N THR B 177 18.46 4.23 39.37
CA THR B 177 19.77 4.16 40.00
C THR B 177 20.65 5.32 39.56
N THR B 178 20.62 5.68 38.28
CA THR B 178 21.52 6.71 37.77
C THR B 178 20.82 7.46 36.64
N THR B 179 21.17 8.73 36.48
CA THR B 179 20.65 9.56 35.39
C THR B 179 21.81 10.15 34.59
N PHE B 180 21.64 10.21 33.27
CA PHE B 180 22.66 10.70 32.36
C PHE B 180 22.05 11.84 31.54
N THR B 181 22.57 13.05 31.74
CA THR B 181 22.07 14.24 31.08
C THR B 181 23.22 14.96 30.39
N GLY B 182 22.87 15.75 29.37
CA GLY B 182 23.87 16.49 28.62
C GLY B 182 23.54 16.61 27.15
N HIS B 183 22.69 15.71 26.64
CA HIS B 183 22.24 15.80 25.26
C HIS B 183 21.26 16.95 25.10
N THR B 184 21.33 17.64 23.97
CA THR B 184 20.40 18.71 23.64
C THR B 184 19.31 18.28 22.67
N GLY B 185 19.29 17.01 22.28
CA GLY B 185 18.23 16.49 21.44
C GLY B 185 17.78 15.13 21.93
N ASP B 186 16.64 14.69 21.42
CA ASP B 186 16.08 13.39 21.81
C ASP B 186 17.08 12.28 21.56
N VAL B 187 17.31 11.46 22.58
CA VAL B 187 18.24 10.34 22.44
C VAL B 187 17.50 9.20 21.73
N MET B 188 18.02 8.81 20.57
CA MET B 188 17.34 7.85 19.71
C MET B 188 17.81 6.42 19.89
N SER B 189 19.02 6.22 20.39
CA SER B 189 19.55 4.87 20.56
C SER B 189 20.68 4.90 21.57
N LEU B 190 21.00 3.71 22.08
CA LEU B 190 22.16 3.52 22.94
C LEU B 190 22.69 2.11 22.71
N SER B 191 23.94 1.89 23.13
CA SER B 191 24.55 0.57 23.01
C SER B 191 25.51 0.39 24.16
N LEU B 192 25.36 -0.72 24.88
CA LEU B 192 26.25 -1.03 25.99
C LEU B 192 27.58 -1.56 25.47
N ALA B 193 28.65 -1.24 26.18
CA ALA B 193 29.95 -1.77 25.83
C ALA B 193 30.02 -3.26 26.15
N PRO B 194 30.94 -3.99 25.53
CA PRO B 194 31.08 -5.42 25.86
C PRO B 194 31.36 -5.67 27.34
N ASP B 195 32.07 -4.76 28.01
CA ASP B 195 32.27 -4.85 29.45
C ASP B 195 31.10 -4.29 30.25
N THR B 196 30.12 -3.69 29.59
CA THR B 196 28.92 -3.10 30.20
C THR B 196 29.23 -2.03 31.23
N ARG B 197 30.42 -1.42 31.18
CA ARG B 197 30.76 -0.33 32.07
C ARG B 197 30.57 1.04 31.41
N LEU B 198 30.62 1.09 30.08
CA LEU B 198 30.43 2.32 29.32
C LEU B 198 29.30 2.11 28.33
N PHE B 199 28.70 3.22 27.89
CA PHE B 199 27.72 3.11 26.81
C PHE B 199 27.67 4.42 26.04
N VAL B 200 27.50 4.31 24.72
CA VAL B 200 27.37 5.47 23.85
C VAL B 200 25.92 5.65 23.48
N SER B 201 25.51 6.91 23.36
CA SER B 201 24.16 7.27 22.97
C SER B 201 24.22 8.31 21.86
N GLY B 202 23.31 8.19 20.91
CA GLY B 202 23.15 9.16 19.84
C GLY B 202 21.85 9.91 20.02
N ALA B 203 21.89 11.22 19.76
CA ALA B 203 20.74 12.08 20.00
C ALA B 203 20.44 12.89 18.75
N CYS B 204 19.29 13.59 18.78
CA CYS B 204 18.89 14.46 17.70
C CYS B 204 19.58 15.82 17.80
N ASP B 205 20.90 15.80 17.95
CA ASP B 205 21.69 17.03 17.94
C ASP B 205 22.99 16.87 17.16
N ALA B 206 23.10 15.84 16.31
CA ALA B 206 24.28 15.55 15.52
C ALA B 206 25.51 15.23 16.37
N SER B 207 25.31 14.80 17.62
CA SER B 207 26.41 14.47 18.51
C SER B 207 26.11 13.17 19.22
N ALA B 208 27.17 12.43 19.53
CA ALA B 208 27.10 11.21 20.31
C ALA B 208 27.85 11.40 21.61
N LYS B 209 27.41 10.71 22.66
CA LYS B 209 28.02 10.85 23.98
C LYS B 209 28.34 9.49 24.56
N LEU B 210 29.58 9.32 24.99
CA LEU B 210 30.04 8.13 25.69
C LEU B 210 30.02 8.40 27.19
N TRP B 211 29.24 7.61 27.92
CA TRP B 211 29.03 7.77 29.35
C TRP B 211 29.62 6.58 30.09
N ASP B 212 30.16 6.86 31.28
CA ASP B 212 30.51 5.84 32.25
C ASP B 212 29.28 5.53 33.09
N VAL B 213 28.90 4.25 33.15
CA VAL B 213 27.68 3.86 33.86
C VAL B 213 27.86 4.08 35.36
N ARG B 214 29.03 3.78 35.90
CA ARG B 214 29.23 3.80 37.35
C ARG B 214 29.13 5.22 37.91
N GLU B 215 29.78 6.18 37.28
CA GLU B 215 29.79 7.54 37.80
C GLU B 215 28.64 8.39 37.32
N GLY B 216 28.06 8.07 36.16
CA GLY B 216 26.95 8.84 35.63
C GLY B 216 27.33 10.10 34.89
N MET B 217 28.62 10.31 34.64
CA MET B 217 29.09 11.50 33.94
C MET B 217 29.43 11.17 32.50
N CYS B 218 29.22 12.16 31.62
CA CYS B 218 29.53 11.99 30.20
C CYS B 218 31.04 12.04 30.00
N ARG B 219 31.63 10.91 29.66
CA ARG B 219 33.07 10.83 29.50
C ARG B 219 33.52 11.53 28.22
N GLN B 220 32.82 11.31 27.12
CA GLN B 220 33.30 11.77 25.82
C GLN B 220 32.14 12.27 24.99
N THR B 221 32.43 13.22 24.09
CA THR B 221 31.46 13.73 23.14
C THR B 221 32.07 13.72 21.74
N PHE B 222 31.35 13.14 20.79
CA PHE B 222 31.82 12.97 19.42
C PHE B 222 30.89 13.75 18.50
N THR B 223 31.48 14.62 17.68
CA THR B 223 30.74 15.41 16.71
C THR B 223 31.23 15.07 15.31
N GLY B 224 30.49 15.55 14.31
CA GLY B 224 30.85 15.29 12.93
C GLY B 224 29.64 15.03 12.05
N HIS B 225 28.57 14.49 12.65
CA HIS B 225 27.34 14.28 11.90
C HIS B 225 26.67 15.63 11.62
N GLU B 226 25.82 15.64 10.59
CA GLU B 226 25.15 16.87 10.17
C GLU B 226 23.70 16.95 10.61
N SER B 227 23.07 15.83 10.94
CA SER B 227 21.66 15.80 11.27
C SER B 227 21.45 14.84 12.43
N ASP B 228 20.18 14.51 12.69
CA ASP B 228 19.83 13.69 13.84
C ASP B 228 20.43 12.29 13.72
N ILE B 229 20.98 11.80 14.82
CA ILE B 229 21.54 10.45 14.88
C ILE B 229 20.45 9.50 15.34
N ASN B 230 20.18 8.48 14.53
CA ASN B 230 19.09 7.54 14.78
C ASN B 230 19.55 6.24 15.41
N ALA B 231 20.76 5.78 15.08
CA ALA B 231 21.24 4.48 15.52
C ALA B 231 22.70 4.57 15.92
N ILE B 232 23.12 3.67 16.80
CA ILE B 232 24.49 3.66 17.30
C ILE B 232 24.78 2.26 17.83
N CYS B 233 26.05 1.86 17.74
CA CYS B 233 26.46 0.52 18.16
C CYS B 233 27.97 0.49 18.34
N PHE B 234 28.42 -0.19 19.39
CA PHE B 234 29.85 -0.37 19.60
C PHE B 234 30.47 -1.34 18.60
N PHE B 235 31.73 -1.08 18.28
CA PHE B 235 32.56 -2.07 17.61
C PHE B 235 32.76 -3.27 18.55
N PRO B 236 32.91 -4.47 18.00
CA PRO B 236 33.04 -5.66 18.86
C PRO B 236 34.17 -5.58 19.87
N ASN B 237 35.25 -4.86 19.59
CA ASN B 237 36.32 -4.73 20.58
C ASN B 237 35.96 -3.81 21.73
N GLY B 238 34.97 -2.93 21.55
CA GLY B 238 34.56 -2.00 22.58
C GLY B 238 35.34 -0.71 22.65
N ASN B 239 36.31 -0.50 21.76
CA ASN B 239 37.12 0.71 21.74
C ASN B 239 36.74 1.64 20.59
N ALA B 240 35.59 1.41 19.98
CA ALA B 240 35.08 2.26 18.90
C ALA B 240 33.59 2.02 18.79
N PHE B 241 32.94 2.79 17.92
CA PHE B 241 31.51 2.61 17.68
C PHE B 241 31.16 3.25 16.35
N ALA B 242 29.90 3.04 15.93
CA ALA B 242 29.40 3.60 14.68
C ALA B 242 28.03 4.22 14.90
N THR B 243 27.73 5.22 14.09
CA THR B 243 26.47 5.97 14.19
C THR B 243 25.86 6.11 12.80
N GLY B 244 24.54 6.08 12.75
CA GLY B 244 23.81 6.40 11.54
C GLY B 244 22.96 7.64 11.78
N SER B 245 22.83 8.49 10.77
CA SER B 245 22.16 9.76 10.93
C SER B 245 21.24 10.03 9.76
N ASP B 246 20.43 11.09 9.91
CA ASP B 246 19.52 11.52 8.86
C ASP B 246 20.23 12.18 7.68
N ASP B 247 21.51 12.53 7.82
CA ASP B 247 22.27 13.10 6.72
C ASP B 247 22.70 12.06 5.70
N ALA B 248 22.17 10.84 5.77
CA ALA B 248 22.45 9.74 4.85
C ALA B 248 23.89 9.27 4.93
N THR B 249 24.58 9.49 6.05
CA THR B 249 25.94 9.03 6.23
C THR B 249 26.06 8.27 7.53
N CYS B 250 26.84 7.20 7.50
CA CYS B 250 27.28 6.51 8.71
C CYS B 250 28.67 6.99 9.07
N ARG B 251 28.99 6.93 10.36
CA ARG B 251 30.30 7.39 10.80
C ARG B 251 30.81 6.50 11.92
N LEU B 252 32.03 6.00 11.74
CA LEU B 252 32.73 5.21 12.74
C LEU B 252 33.65 6.14 13.52
N PHE B 253 33.43 6.21 14.83
CA PHE B 253 34.22 7.00 15.77
C PHE B 253 35.05 6.07 16.66
N ASP B 254 36.15 6.60 17.18
CA ASP B 254 37.00 5.88 18.11
C ASP B 254 37.01 6.60 19.45
N LEU B 255 36.78 5.85 20.53
CA LEU B 255 36.75 6.45 21.86
C LEU B 255 38.09 7.06 22.23
N ARG B 256 39.19 6.34 21.99
CA ARG B 256 40.50 6.81 22.39
C ARG B 256 41.02 7.95 21.52
N ALA B 257 40.63 8.00 20.26
CA ALA B 257 40.98 9.13 19.40
C ALA B 257 40.05 10.32 19.57
N ASP B 258 38.88 10.12 20.19
CA ASP B 258 37.92 11.18 20.48
C ASP B 258 37.47 11.91 19.21
N GLN B 259 37.48 11.22 18.08
CA GLN B 259 37.02 11.84 16.83
C GLN B 259 36.65 10.76 15.83
N GLU B 260 36.16 11.22 14.69
CA GLU B 260 35.70 10.34 13.62
C GLU B 260 36.86 9.54 13.02
N LEU B 261 36.60 8.27 12.75
CA LEU B 261 37.54 7.42 12.01
C LEU B 261 37.15 7.28 10.56
N MET B 262 35.88 7.02 10.26
CA MET B 262 35.51 6.77 8.87
C MET B 262 34.09 7.24 8.60
N THR B 263 33.81 7.52 7.33
CA THR B 263 32.49 7.91 6.86
C THR B 263 32.02 6.96 5.77
N TYR B 264 30.74 6.60 5.82
CA TYR B 264 30.11 5.65 4.90
C TYR B 264 28.93 6.37 4.26
N SER B 265 29.12 6.86 3.04
CA SER B 265 28.06 7.53 2.31
C SER B 265 28.34 7.44 0.82
N HIS B 266 27.29 7.62 0.03
CA HIS B 266 27.39 7.61 -1.43
C HIS B 266 26.46 8.67 -2.00
N ASP B 267 26.78 9.12 -3.21
CA ASP B 267 25.96 10.16 -3.85
C ASP B 267 24.54 9.67 -4.09
N ASN B 268 24.37 8.41 -4.49
CA ASN B 268 23.04 7.87 -4.71
C ASN B 268 22.23 7.78 -3.43
N ILE B 269 22.88 7.74 -2.27
CA ILE B 269 22.20 7.59 -0.99
C ILE B 269 21.83 8.97 -0.47
N ILE B 270 20.53 9.25 -0.41
CA ILE B 270 20.04 10.52 0.10
C ILE B 270 18.99 10.28 1.17
N CYS B 271 19.07 9.13 1.83
CA CYS B 271 18.12 8.77 2.88
C CYS B 271 18.87 8.41 4.15
N GLY B 272 18.28 8.76 5.29
CA GLY B 272 18.94 8.54 6.56
C GLY B 272 19.01 7.09 6.96
N ILE B 273 19.93 6.80 7.87
CA ILE B 273 20.13 5.45 8.40
C ILE B 273 19.30 5.30 9.66
N THR B 274 18.46 4.26 9.69
CA THR B 274 17.61 4.01 10.85
C THR B 274 18.22 3.03 11.83
N SER B 275 19.11 2.15 11.37
CA SER B 275 19.67 1.12 12.23
C SER B 275 21.06 0.76 11.73
N VAL B 276 21.96 0.46 12.67
CA VAL B 276 23.31 0.02 12.35
C VAL B 276 23.64 -1.16 13.25
N SER B 277 24.47 -2.07 12.73
CA SER B 277 24.94 -3.21 13.50
C SER B 277 26.23 -3.72 12.90
N PHE B 278 27.17 -4.08 13.77
CA PHE B 278 28.43 -4.70 13.36
C PHE B 278 28.30 -6.22 13.43
N SER B 279 28.90 -6.90 12.46
CA SER B 279 29.01 -8.34 12.52
C SER B 279 29.95 -8.74 13.66
N LYS B 280 30.11 -10.06 13.83
CA LYS B 280 30.95 -10.56 14.92
C LYS B 280 32.39 -10.09 14.77
N SER B 281 32.92 -10.14 13.53
CA SER B 281 34.31 -9.73 13.31
C SER B 281 34.46 -8.21 13.40
N GLY B 282 33.42 -7.46 13.06
CA GLY B 282 33.53 -6.03 12.95
C GLY B 282 34.05 -5.53 11.61
N ARG B 283 34.19 -6.41 10.63
CA ARG B 283 34.62 -6.01 9.30
C ARG B 283 33.48 -5.49 8.44
N LEU B 284 32.25 -5.94 8.69
CA LEU B 284 31.08 -5.46 7.97
C LEU B 284 30.20 -4.65 8.91
N LEU B 285 29.60 -3.60 8.38
CA LEU B 285 28.69 -2.73 9.11
C LEU B 285 27.36 -2.73 8.36
N LEU B 286 26.34 -3.33 8.95
CA LEU B 286 25.03 -3.38 8.32
C LEU B 286 24.22 -2.18 8.77
N ALA B 287 23.66 -1.46 7.81
CA ALA B 287 22.92 -0.23 8.10
C ALA B 287 21.60 -0.26 7.35
N GLY B 288 20.50 -0.16 8.09
CA GLY B 288 19.19 -0.06 7.47
C GLY B 288 18.89 1.36 7.03
N TYR B 289 18.24 1.49 5.88
CA TYR B 289 18.01 2.77 5.25
C TYR B 289 16.53 3.02 5.04
N ASP B 290 16.20 4.29 4.81
CA ASP B 290 14.84 4.70 4.48
C ASP B 290 14.45 4.35 3.04
N ASP B 291 15.40 3.99 2.20
CA ASP B 291 15.12 3.61 0.82
C ASP B 291 14.64 2.17 0.71
N PHE B 292 14.18 1.58 1.82
CA PHE B 292 13.60 0.24 1.97
C PHE B 292 14.68 -0.83 1.94
N ASN B 293 15.95 -0.47 1.81
CA ASN B 293 17.03 -1.44 1.71
C ASN B 293 17.92 -1.39 2.94
N CYS B 294 18.78 -2.40 3.04
CA CYS B 294 19.81 -2.47 4.07
C CYS B 294 21.15 -2.68 3.37
N ASN B 295 22.14 -1.88 3.74
CA ASN B 295 23.42 -1.87 3.05
C ASN B 295 24.51 -2.42 3.96
N VAL B 296 25.33 -3.31 3.43
CA VAL B 296 26.47 -3.86 4.14
C VAL B 296 27.70 -3.13 3.67
N TRP B 297 28.33 -2.39 4.58
CA TRP B 297 29.48 -1.56 4.30
C TRP B 297 30.75 -2.26 4.74
N ASP B 298 31.79 -2.20 3.91
CA ASP B 298 33.11 -2.65 4.34
C ASP B 298 33.65 -1.63 5.33
N ALA B 299 33.50 -1.92 6.63
CA ALA B 299 33.77 -0.91 7.66
C ALA B 299 35.20 -0.39 7.60
N LEU B 300 36.14 -1.21 7.14
CA LEU B 300 37.53 -0.78 7.05
C LEU B 300 37.83 -0.04 5.75
N LYS B 301 37.25 -0.48 4.64
CA LYS B 301 37.50 0.15 3.35
C LYS B 301 36.48 1.23 3.01
N ALA B 302 35.40 1.36 3.79
CA ALA B 302 34.36 2.37 3.66
C ALA B 302 33.53 2.21 2.39
N ASP B 303 33.88 1.26 1.52
CA ASP B 303 33.12 1.03 0.30
C ASP B 303 32.00 0.03 0.56
N ARG B 304 30.90 0.19 -0.15
CA ARG B 304 29.79 -0.72 -0.03
C ARG B 304 30.20 -2.13 -0.42
N ALA B 305 29.77 -3.11 0.40
CA ALA B 305 30.05 -4.51 0.12
C ALA B 305 28.81 -5.29 -0.31
N GLY B 306 27.62 -4.87 0.09
CA GLY B 306 26.43 -5.60 -0.31
C GLY B 306 25.17 -4.81 -0.05
N VAL B 307 24.07 -5.32 -0.58
CA VAL B 307 22.76 -4.72 -0.40
C VAL B 307 21.77 -5.82 0.01
N LEU B 308 21.03 -5.58 1.09
CA LEU B 308 19.99 -6.51 1.53
C LEU B 308 18.64 -5.99 1.05
N ALA B 309 18.39 -6.18 -0.24
CA ALA B 309 17.11 -5.81 -0.83
C ALA B 309 16.08 -6.91 -0.60
N GLY B 310 14.83 -6.50 -0.46
CA GLY B 310 13.75 -7.46 -0.23
C GLY B 310 12.68 -6.94 0.70
N HIS B 311 13.00 -5.91 1.49
CA HIS B 311 12.02 -5.30 2.36
C HIS B 311 11.16 -4.33 1.56
N ASP B 312 9.85 -4.37 1.79
CA ASP B 312 8.90 -3.56 1.05
C ASP B 312 8.64 -2.20 1.68
N ASN B 313 9.33 -1.87 2.78
CA ASN B 313 9.16 -0.57 3.42
C ASN B 313 10.42 -0.27 4.21
N ARG B 314 10.35 0.80 5.01
CA ARG B 314 11.50 1.28 5.78
C ARG B 314 12.06 0.19 6.68
N VAL B 315 13.37 -0.02 6.60
CA VAL B 315 14.06 -0.94 7.49
C VAL B 315 14.32 -0.21 8.80
N SER B 316 13.64 -0.65 9.86
CA SER B 316 13.62 0.07 11.12
C SER B 316 14.56 -0.50 12.18
N CYS B 317 15.00 -1.74 12.03
CA CYS B 317 15.81 -2.36 13.08
C CYS B 317 16.60 -3.52 12.50
N LEU B 318 17.85 -3.64 12.96
CA LEU B 318 18.75 -4.73 12.62
C LEU B 318 19.20 -5.43 13.88
N GLY B 319 19.74 -6.64 13.70
CA GLY B 319 20.34 -7.34 14.82
C GLY B 319 21.19 -8.51 14.38
N VAL B 320 22.41 -8.60 14.91
CA VAL B 320 23.34 -9.67 14.58
C VAL B 320 23.44 -10.61 15.78
N THR B 321 23.40 -11.90 15.50
CA THR B 321 23.50 -12.91 16.55
C THR B 321 24.82 -12.76 17.29
N ASP B 322 24.83 -13.19 18.55
CA ASP B 322 26.05 -13.12 19.35
C ASP B 322 27.15 -14.01 18.80
N ASP B 323 26.79 -15.09 18.11
CA ASP B 323 27.79 -15.93 17.46
C ASP B 323 27.99 -15.57 15.99
N GLY B 324 27.32 -14.53 15.50
CA GLY B 324 27.53 -14.07 14.14
C GLY B 324 26.91 -14.93 13.06
N MET B 325 26.01 -15.85 13.42
CA MET B 325 25.47 -16.78 12.44
C MET B 325 24.45 -16.14 11.50
N ALA B 326 23.64 -15.21 12.00
CA ALA B 326 22.57 -14.67 11.17
C ALA B 326 22.31 -13.21 11.53
N VAL B 327 21.69 -12.51 10.59
CA VAL B 327 21.27 -11.12 10.78
C VAL B 327 19.77 -11.04 10.59
N ALA B 328 19.06 -10.56 11.59
CA ALA B 328 17.62 -10.37 11.51
C ALA B 328 17.32 -8.89 11.31
N THR B 329 16.53 -8.58 10.29
CA THR B 329 16.14 -7.21 10.01
C THR B 329 14.61 -7.12 10.04
N GLY B 330 14.11 -6.23 10.89
CA GLY B 330 12.71 -5.88 10.84
C GLY B 330 12.48 -4.70 9.93
N SER B 331 11.21 -4.46 9.60
CA SER B 331 10.91 -3.38 8.67
C SER B 331 9.48 -2.94 8.88
N TRP B 332 9.14 -1.80 8.28
CA TRP B 332 7.80 -1.24 8.41
C TRP B 332 6.77 -2.01 7.60
N ASP B 333 7.20 -2.98 6.78
CA ASP B 333 6.28 -3.86 6.07
C ASP B 333 5.77 -5.02 6.93
N SER B 334 6.15 -5.05 8.21
CA SER B 334 5.68 -5.98 9.24
C SER B 334 6.28 -7.37 9.14
N PHE B 335 7.41 -7.55 8.47
CA PHE B 335 8.07 -8.85 8.38
C PHE B 335 9.51 -8.74 8.84
N LEU B 336 9.95 -9.74 9.60
CA LEU B 336 11.37 -9.90 9.89
C LEU B 336 11.98 -10.85 8.87
N LYS B 337 13.19 -10.54 8.45
CA LYS B 337 13.94 -11.39 7.52
C LYS B 337 15.26 -11.78 8.14
N ILE B 338 15.57 -13.06 8.10
CA ILE B 338 16.85 -13.59 8.56
C ILE B 338 17.75 -13.76 7.35
N TRP B 339 19.01 -13.36 7.48
CA TRP B 339 19.96 -13.38 6.38
C TRP B 339 21.26 -14.04 6.84
N ASN B 340 21.83 -14.86 5.96
CA ASN B 340 23.16 -15.44 6.16
C ASN B 340 24.08 -15.13 4.98
N SER C 4 19.61 29.93 32.44
CA SER C 4 20.58 29.78 31.37
C SER C 4 22.00 29.80 31.92
N ILE C 5 22.18 30.44 33.09
CA ILE C 5 23.49 30.51 33.71
C ILE C 5 23.97 29.12 34.11
N ALA C 6 23.08 28.33 34.72
CA ALA C 6 23.46 26.98 35.15
C ALA C 6 23.79 26.09 33.96
N GLN C 7 23.00 26.18 32.89
CA GLN C 7 23.28 25.39 31.69
C GLN C 7 24.62 25.77 31.08
N ALA C 8 24.90 27.08 31.00
CA ALA C 8 26.18 27.52 30.45
C ALA C 8 27.34 27.05 31.33
N ARG C 9 27.19 27.13 32.65
CA ARG C 9 28.24 26.65 33.54
C ARG C 9 28.47 25.15 33.39
N LYS C 10 27.39 24.38 33.28
CA LYS C 10 27.53 22.94 33.09
C LYS C 10 28.23 22.63 31.76
N LEU C 11 27.85 23.33 30.69
CA LEU C 11 28.50 23.12 29.41
C LEU C 11 29.98 23.47 29.46
N VAL C 12 30.32 24.57 30.15
CA VAL C 12 31.72 24.97 30.27
C VAL C 12 32.51 23.93 31.05
N GLU C 13 31.93 23.43 32.15
CA GLU C 13 32.61 22.40 32.92
C GLU C 13 32.81 21.12 32.11
N GLN C 14 31.79 20.73 31.32
CA GLN C 14 31.92 19.54 30.49
C GLN C 14 33.00 19.73 29.43
N LEU C 15 33.06 20.92 28.82
CA LEU C 15 34.09 21.18 27.82
C LEU C 15 35.49 21.17 28.46
N LYS C 16 35.61 21.71 29.67
CA LYS C 16 36.90 21.66 30.37
C LYS C 16 37.30 20.22 30.66
N MET C 17 36.34 19.40 31.10
CA MET C 17 36.65 18.00 31.38
C MET C 17 37.06 17.27 30.10
N GLU C 18 36.37 17.54 29.00
CA GLU C 18 36.66 16.84 27.74
C GLU C 18 37.96 17.31 27.12
N ALA C 19 38.37 18.55 27.38
CA ALA C 19 39.63 19.05 26.83
C ALA C 19 40.84 18.46 27.54
N ASN C 20 40.68 17.97 28.76
CA ASN C 20 41.80 17.48 29.56
C ASN C 20 42.04 15.98 29.41
N ILE C 21 41.21 15.27 28.64
CA ILE C 21 41.39 13.82 28.50
C ILE C 21 42.52 13.55 27.51
N ASP C 22 43.29 12.50 27.79
CA ASP C 22 44.37 12.10 26.90
C ASP C 22 43.81 11.45 25.64
N ARG C 23 44.41 11.76 24.51
CA ARG C 23 43.98 11.23 23.22
C ARG C 23 45.18 10.60 22.52
N ILE C 24 45.05 9.31 22.19
CA ILE C 24 46.12 8.62 21.47
C ILE C 24 46.04 8.95 20.00
N LYS C 25 47.10 8.63 19.27
CA LYS C 25 47.14 8.89 17.83
C LYS C 25 46.10 8.06 17.11
N VAL C 26 45.53 8.63 16.05
CA VAL C 26 44.54 7.91 15.25
C VAL C 26 45.15 6.69 14.57
N SER C 27 46.42 6.78 14.19
CA SER C 27 47.09 5.63 13.58
C SER C 27 47.12 4.44 14.53
N LYS C 28 47.35 4.69 15.81
CA LYS C 28 47.37 3.59 16.78
C LYS C 28 46.00 2.93 16.91
N ALA C 29 44.94 3.74 16.97
CA ALA C 29 43.59 3.18 17.07
C ALA C 29 43.22 2.42 15.81
N ALA C 30 43.59 2.95 14.64
CA ALA C 30 43.33 2.25 13.39
C ALA C 30 44.06 0.92 13.34
N ALA C 31 45.32 0.91 13.81
CA ALA C 31 46.06 -0.35 13.86
C ALA C 31 45.42 -1.33 14.83
N ASP C 32 44.91 -0.84 15.96
CA ASP C 32 44.23 -1.73 16.90
C ASP C 32 42.98 -2.34 16.29
N LEU C 33 42.18 -1.52 15.59
CA LEU C 33 40.97 -2.05 14.94
C LEU C 33 41.33 -3.05 13.84
N MET C 34 42.38 -2.75 13.07
CA MET C 34 42.81 -3.68 12.03
C MET C 34 43.27 -5.00 12.63
N ALA C 35 44.03 -4.94 13.73
CA ALA C 35 44.47 -6.15 14.39
C ALA C 35 43.29 -6.95 14.93
N TYR C 36 42.29 -6.27 15.48
CA TYR C 36 41.10 -6.97 15.96
C TYR C 36 40.37 -7.66 14.82
N CYS C 37 40.20 -6.96 13.70
CA CYS C 37 39.51 -7.56 12.55
C CYS C 37 40.27 -8.75 12.01
N GLU C 38 41.59 -8.63 11.90
CA GLU C 38 42.41 -9.72 11.36
C GLU C 38 42.41 -10.92 12.31
N ALA C 39 42.46 -10.68 13.62
CA ALA C 39 42.47 -11.78 14.58
C ALA C 39 41.10 -12.44 14.72
N HIS C 40 40.02 -11.76 14.34
CA HIS C 40 38.67 -12.29 14.47
C HIS C 40 37.99 -12.45 13.12
N ALA C 41 38.76 -12.50 12.03
CA ALA C 41 38.17 -12.56 10.69
C ALA C 41 37.46 -13.88 10.46
N LYS C 42 38.01 -14.98 10.94
CA LYS C 42 37.49 -16.31 10.63
C LYS C 42 36.30 -16.71 11.48
N GLU C 43 35.90 -15.88 12.46
CA GLU C 43 34.77 -16.18 13.32
C GLU C 43 33.48 -15.52 12.83
N ASP C 44 33.46 -15.02 11.60
CA ASP C 44 32.32 -14.27 11.08
C ASP C 44 31.69 -15.02 9.91
N PRO C 45 30.60 -15.78 10.13
CA PRO C 45 29.92 -16.42 9.01
C PRO C 45 29.34 -15.45 7.99
N LEU C 46 29.08 -14.20 8.40
CA LEU C 46 28.59 -13.22 7.45
C LEU C 46 29.70 -12.74 6.52
N LEU C 47 30.89 -12.49 7.08
CA LEU C 47 32.01 -12.03 6.26
C LEU C 47 32.48 -13.11 5.31
N THR C 48 32.62 -14.35 5.80
CA THR C 48 33.11 -15.44 4.98
C THR C 48 32.11 -16.59 5.01
N PRO C 49 31.90 -17.27 3.87
CA PRO C 49 30.90 -18.34 3.83
C PRO C 49 31.26 -19.51 4.74
N VAL C 50 30.24 -20.15 5.26
CA VAL C 50 30.40 -21.32 6.13
C VAL C 50 29.74 -22.53 5.44
N PRO C 51 30.17 -23.75 5.75
CA PRO C 51 29.52 -24.92 5.14
C PRO C 51 28.07 -25.04 5.56
N ALA C 52 27.27 -25.65 4.67
CA ALA C 52 25.84 -25.77 4.92
C ALA C 52 25.53 -26.57 6.18
N SER C 53 26.41 -27.51 6.55
CA SER C 53 26.20 -28.26 7.78
C SER C 53 26.28 -27.35 9.01
N GLU C 54 27.23 -26.40 9.00
CA GLU C 54 27.37 -25.50 10.15
C GLU C 54 26.25 -24.46 10.17
N ASN C 55 25.71 -24.11 9.01
CA ASN C 55 24.67 -23.09 8.93
C ASN C 55 23.40 -23.59 9.62
N PRO C 56 22.89 -22.91 10.64
CA PRO C 56 21.66 -23.37 11.29
C PRO C 56 20.38 -22.97 10.56
N PHE C 57 20.47 -22.06 9.58
CA PHE C 57 19.30 -21.57 8.87
C PHE C 57 19.21 -22.12 7.45
N ARG C 58 19.97 -23.16 7.14
CA ARG C 58 19.95 -23.76 5.81
C ARG C 58 18.70 -24.61 5.62
N GLN D 1 30.57 19.78 14.02
CA GLN D 1 29.55 20.47 14.81
C GLN D 1 28.82 21.50 13.96
N VAL D 2 27.49 21.45 13.98
CA VAL D 2 26.67 22.39 13.23
C VAL D 2 26.81 23.76 13.88
N GLN D 3 27.47 24.68 13.19
CA GLN D 3 27.71 26.03 13.69
C GLN D 3 26.97 27.04 12.83
N LEU D 4 26.20 27.91 13.48
CA LEU D 4 25.46 28.98 12.82
C LEU D 4 25.69 30.26 13.62
N GLN D 5 26.46 31.19 13.06
CA GLN D 5 26.82 32.42 13.75
C GLN D 5 26.18 33.60 13.04
N GLU D 6 25.37 34.37 13.76
CA GLU D 6 24.71 35.53 13.17
C GLU D 6 25.40 36.83 13.60
N SER D 7 25.35 37.80 12.70
CA SER D 7 25.96 39.11 12.95
C SER D 7 25.23 40.15 12.12
N GLY D 8 25.64 41.41 12.29
CA GLY D 8 25.06 42.50 11.56
C GLY D 8 23.94 43.23 12.27
N GLY D 9 23.38 42.66 13.33
CA GLY D 9 22.33 43.33 14.06
C GLY D 9 22.85 44.45 14.93
N GLY D 10 21.96 45.39 15.24
CA GLY D 10 22.34 46.51 16.07
C GLY D 10 21.21 47.51 16.17
N LEU D 11 21.52 48.65 16.78
CA LEU D 11 20.54 49.72 16.95
C LEU D 11 20.26 50.39 15.62
N VAL D 12 18.99 50.74 15.39
CA VAL D 12 18.58 51.39 14.15
C VAL D 12 17.35 52.25 14.44
N GLN D 13 17.29 53.40 13.79
CA GLN D 13 16.13 54.27 13.92
C GLN D 13 14.92 53.62 13.26
N PRO D 14 13.72 53.86 13.80
CA PRO D 14 12.51 53.33 13.14
C PRO D 14 12.40 53.80 11.70
N GLY D 15 12.01 52.88 10.82
CA GLY D 15 12.00 53.14 9.40
C GLY D 15 13.35 53.02 8.72
N GLY D 16 14.39 52.61 9.45
CA GLY D 16 15.72 52.51 8.91
C GLY D 16 15.95 51.21 8.17
N SER D 17 17.23 50.93 7.92
CA SER D 17 17.64 49.75 7.16
C SER D 17 18.73 49.01 7.93
N LEU D 18 18.85 47.72 7.62
CA LEU D 18 19.78 46.85 8.33
C LEU D 18 20.00 45.61 7.47
N ARG D 19 21.00 44.82 7.83
CA ARG D 19 21.27 43.57 7.12
C ARG D 19 21.85 42.55 8.09
N LEU D 20 21.17 41.43 8.25
CA LEU D 20 21.64 40.34 9.10
C LEU D 20 22.36 39.30 8.25
N SER D 21 23.51 38.85 8.74
CA SER D 21 24.33 37.85 8.07
C SER D 21 24.44 36.61 8.94
N CYS D 22 24.49 35.44 8.32
CA CYS D 22 24.53 34.16 8.99
C CYS D 22 25.62 33.31 8.36
N ALA D 23 26.70 33.07 9.08
CA ALA D 23 27.79 32.21 8.65
C ALA D 23 27.50 30.80 9.13
N ALA D 24 27.45 29.86 8.18
CA ALA D 24 27.11 28.47 8.45
C ALA D 24 28.33 27.60 8.20
N SER D 25 28.59 26.67 9.12
CA SER D 25 29.70 25.75 8.97
C SER D 25 29.32 24.42 9.63
N GLY D 26 30.04 23.37 9.24
CA GLY D 26 29.78 22.04 9.74
C GLY D 26 28.78 21.23 8.96
N PHE D 27 28.17 21.81 7.92
CA PHE D 27 27.21 21.07 7.10
C PHE D 27 27.21 21.66 5.69
N THR D 28 26.71 20.85 4.76
CA THR D 28 26.57 21.28 3.37
C THR D 28 25.41 22.27 3.30
N PHE D 29 25.73 23.55 3.15
CA PHE D 29 24.72 24.60 3.24
C PHE D 29 23.66 24.45 2.15
N SER D 30 24.07 24.01 0.96
CA SER D 30 23.15 23.94 -0.18
C SER D 30 22.17 22.78 -0.08
N ASN D 31 22.42 21.80 0.80
CA ASN D 31 21.53 20.65 0.92
C ASN D 31 20.36 20.92 1.87
N TYR D 32 20.39 22.01 2.62
CA TYR D 32 19.43 22.28 3.67
C TYR D 32 18.65 23.55 3.38
N LYS D 33 17.34 23.50 3.62
CA LYS D 33 16.52 24.69 3.60
C LYS D 33 16.77 25.51 4.86
N MET D 34 16.83 26.83 4.71
CA MET D 34 17.25 27.71 5.79
C MET D 34 16.10 28.60 6.23
N ASN D 35 16.18 29.09 7.47
CA ASN D 35 15.11 29.86 8.08
C ASN D 35 15.68 31.03 8.86
N TRP D 36 14.87 32.07 8.98
CA TRP D 36 15.09 33.16 9.93
C TRP D 36 13.92 33.14 10.90
N VAL D 37 14.22 33.04 12.20
CA VAL D 37 13.20 33.03 13.25
C VAL D 37 13.63 34.00 14.35
N ARG D 38 12.70 34.81 14.83
CA ARG D 38 13.05 35.77 15.88
C ARG D 38 12.28 35.45 17.15
N GLN D 39 12.83 35.90 18.27
CA GLN D 39 12.20 35.78 19.59
C GLN D 39 12.10 37.19 20.18
N ALA D 40 10.94 37.80 20.03
CA ALA D 40 10.70 39.11 20.61
C ALA D 40 10.63 39.01 22.13
N PRO D 41 10.97 40.07 22.85
CA PRO D 41 10.89 40.03 24.32
C PRO D 41 9.48 39.73 24.80
N GLY D 42 9.40 38.87 25.81
CA GLY D 42 8.11 38.45 26.33
C GLY D 42 7.32 37.55 25.41
N LYS D 43 7.94 37.02 24.36
CA LYS D 43 7.25 36.20 23.38
C LYS D 43 8.09 34.98 23.05
N GLY D 44 7.43 33.96 22.51
CA GLY D 44 8.11 32.76 22.07
C GLY D 44 8.80 32.93 20.72
N LEU D 45 9.33 31.82 20.22
CA LEU D 45 10.00 31.85 18.93
C LEU D 45 8.99 32.11 17.82
N GLU D 46 9.31 33.05 16.94
CA GLU D 46 8.47 33.42 15.81
C GLU D 46 9.24 33.17 14.52
N TRP D 47 8.57 32.54 13.56
CA TRP D 47 9.17 32.25 12.26
C TRP D 47 9.00 33.45 11.34
N VAL D 48 10.12 33.93 10.80
CA VAL D 48 10.10 35.09 9.91
C VAL D 48 10.09 34.64 8.47
N SER D 49 11.11 33.90 8.05
CA SER D 49 11.25 33.62 6.63
C SER D 49 11.93 32.28 6.43
N ASP D 50 11.80 31.73 5.22
CA ASP D 50 12.51 30.53 4.84
C ASP D 50 12.86 30.58 3.36
N ILE D 51 13.97 29.93 3.03
CA ILE D 51 14.48 29.87 1.67
C ILE D 51 14.93 28.44 1.39
N SER D 52 14.65 27.96 0.19
CA SER D 52 14.88 26.57 -0.17
C SER D 52 16.37 26.32 -0.38
N GLN D 53 16.70 25.14 -0.88
CA GLN D 53 18.09 24.74 -1.04
C GLN D 53 18.82 25.61 -2.06
N SER D 54 18.23 25.78 -3.24
CA SER D 54 18.86 26.58 -4.29
C SER D 54 18.59 28.06 -4.16
N GLY D 55 17.50 28.45 -3.48
CA GLY D 55 17.09 29.82 -3.42
C GLY D 55 15.97 30.21 -4.36
N ALA D 56 15.38 29.24 -5.08
CA ALA D 56 14.28 29.53 -5.97
C ALA D 56 12.95 29.66 -5.24
N SER D 57 12.76 28.95 -4.14
CA SER D 57 11.53 29.02 -3.36
C SER D 57 11.78 29.82 -2.10
N ILE D 58 10.95 30.83 -1.87
CA ILE D 58 11.12 31.79 -0.79
C ILE D 58 9.76 32.05 -0.17
N SER D 59 9.72 32.13 1.16
CA SER D 59 8.48 32.52 1.82
C SER D 59 8.80 33.37 3.04
N TYR D 60 7.88 34.27 3.37
CA TYR D 60 8.03 35.16 4.51
C TYR D 60 6.80 35.06 5.39
N THR D 61 6.96 35.40 6.66
CA THR D 61 5.80 35.68 7.48
C THR D 61 5.14 36.95 6.96
N GLY D 62 3.82 37.07 7.18
CA GLY D 62 3.08 38.17 6.58
C GLY D 62 3.56 39.54 7.04
N SER D 63 3.98 39.64 8.30
CA SER D 63 4.36 40.93 8.87
C SER D 63 5.60 41.54 8.22
N VAL D 64 6.38 40.76 7.47
CA VAL D 64 7.61 41.25 6.88
C VAL D 64 7.60 41.17 5.35
N LYS D 65 6.45 40.86 4.77
CA LYS D 65 6.36 40.75 3.31
C LYS D 65 6.52 42.13 2.69
N GLY D 66 7.45 42.26 1.74
CA GLY D 66 7.76 43.52 1.13
C GLY D 66 8.73 44.39 1.90
N ARG D 67 9.05 44.03 3.15
CA ARG D 67 9.96 44.79 3.99
C ARG D 67 11.33 44.15 4.10
N PHE D 68 11.38 42.85 4.38
CA PHE D 68 12.63 42.11 4.48
C PHE D 68 12.79 41.22 3.26
N THR D 69 14.04 40.91 2.93
CA THR D 69 14.37 40.05 1.79
C THR D 69 15.38 39.01 2.25
N ILE D 70 15.04 37.74 2.10
CA ILE D 70 15.93 36.66 2.47
C ILE D 70 16.70 36.21 1.23
N SER D 71 17.96 35.83 1.43
CA SER D 71 18.78 35.31 0.35
C SER D 71 19.83 34.39 0.95
N ARG D 72 20.45 33.58 0.09
CA ARG D 72 21.51 32.69 0.52
C ARG D 72 22.61 32.65 -0.52
N ASP D 73 23.85 32.69 -0.06
CA ASP D 73 25.03 32.50 -0.90
C ASP D 73 25.55 31.10 -0.60
N ASN D 74 25.17 30.14 -1.44
CA ASN D 74 25.59 28.76 -1.25
C ASN D 74 27.08 28.58 -1.52
N ALA D 75 27.66 29.40 -2.40
CA ALA D 75 29.11 29.36 -2.59
C ALA D 75 29.86 29.85 -1.37
N LYS D 76 29.33 30.86 -0.69
CA LYS D 76 29.94 31.41 0.51
C LYS D 76 29.38 30.79 1.78
N ASN D 77 28.44 29.85 1.66
CA ASN D 77 27.83 29.16 2.80
C ASN D 77 27.28 30.15 3.82
N THR D 78 26.52 31.13 3.32
CA THR D 78 26.00 32.18 4.20
C THR D 78 24.55 32.50 3.85
N LEU D 79 23.87 33.12 4.79
CA LEU D 79 22.48 33.52 4.65
C LEU D 79 22.35 35.00 4.98
N TYR D 80 21.48 35.70 4.26
CA TYR D 80 21.27 37.12 4.46
C TYR D 80 19.80 37.45 4.64
N LEU D 81 19.54 38.42 5.51
CA LEU D 81 18.22 39.01 5.71
C LEU D 81 18.38 40.53 5.60
N GLN D 82 18.03 41.07 4.44
CA GLN D 82 18.07 42.51 4.23
C GLN D 82 16.79 43.13 4.76
N MET D 83 16.91 43.94 5.81
CA MET D 83 15.79 44.52 6.51
C MET D 83 15.60 45.96 6.06
N ASN D 84 14.40 46.29 5.58
CA ASN D 84 14.06 47.63 5.14
C ASN D 84 12.76 48.07 5.78
N SER D 85 12.67 49.37 6.06
CA SER D 85 11.49 49.98 6.68
C SER D 85 11.14 49.27 7.98
N LEU D 86 12.07 49.34 8.93
CA LEU D 86 11.91 48.62 10.19
C LEU D 86 10.89 49.33 11.08
N LYS D 87 10.32 48.55 11.99
CA LYS D 87 9.26 49.00 12.89
C LYS D 87 9.63 48.67 14.32
N PRO D 88 9.07 49.38 15.30
CA PRO D 88 9.38 49.07 16.70
C PRO D 88 8.98 47.66 17.12
N GLU D 89 8.05 47.03 16.42
CA GLU D 89 7.69 45.65 16.71
C GLU D 89 8.74 44.66 16.24
N ASP D 90 9.76 45.11 15.52
CA ASP D 90 10.81 44.24 15.01
C ASP D 90 11.97 44.06 15.98
N THR D 91 11.93 44.74 17.14
CA THR D 91 13.00 44.60 18.13
C THR D 91 13.02 43.18 18.68
N ALA D 92 14.01 42.38 18.30
CA ALA D 92 14.02 40.99 18.70
C ALA D 92 15.40 40.39 18.49
N VAL D 93 15.59 39.20 19.05
CA VAL D 93 16.78 38.42 18.79
C VAL D 93 16.50 37.50 17.60
N TYR D 94 17.33 37.61 16.57
CA TYR D 94 17.14 36.87 15.33
C TYR D 94 18.08 35.67 15.32
N TYR D 95 17.51 34.48 15.20
CA TYR D 95 18.24 33.23 15.07
C TYR D 95 18.15 32.74 13.63
N CYS D 96 19.30 32.44 13.05
CA CYS D 96 19.39 31.78 11.75
C CYS D 96 19.26 30.28 11.99
N ALA D 97 18.16 29.70 11.53
CA ALA D 97 17.80 28.33 11.87
C ALA D 97 17.99 27.42 10.67
N ARG D 98 18.36 26.17 10.92
CA ARG D 98 18.47 25.14 9.91
C ARG D 98 17.61 23.95 10.31
N CYS D 99 16.80 23.47 9.39
CA CYS D 99 16.03 22.30 9.80
C CYS D 99 16.75 21.01 9.43
N PRO D 100 16.53 19.94 10.22
CA PRO D 100 17.53 18.86 10.32
C PRO D 100 17.73 18.03 9.08
N ALA D 101 16.68 17.61 8.44
CA ALA D 101 17.05 16.64 7.43
C ALA D 101 17.31 17.32 6.09
N PRO D 102 18.37 16.90 5.39
CA PRO D 102 18.63 17.42 4.04
C PRO D 102 17.75 16.73 3.01
N PHE D 103 17.58 17.41 1.88
CA PHE D 103 16.80 16.95 0.73
C PHE D 103 15.34 16.69 1.07
N THR D 104 14.84 17.22 2.18
CA THR D 104 13.47 16.99 2.61
C THR D 104 12.66 18.27 2.51
N ARG D 105 11.40 18.12 2.08
CA ARG D 105 10.51 19.26 1.99
C ARG D 105 10.01 19.71 3.36
N ASP D 106 9.84 18.77 4.29
CA ASP D 106 9.50 19.12 5.66
C ASP D 106 10.66 19.81 6.36
N CYS D 107 10.34 20.76 7.21
CA CYS D 107 11.34 21.61 7.87
C CYS D 107 11.04 21.70 9.37
N PHE D 108 10.85 20.53 9.99
CA PHE D 108 10.32 20.42 11.34
C PHE D 108 11.18 21.16 12.37
N ASP D 109 10.49 21.68 13.39
CA ASP D 109 11.03 22.02 14.71
C ASP D 109 11.97 23.21 14.73
N VAL D 110 11.94 24.08 13.72
CA VAL D 110 12.89 25.19 13.70
C VAL D 110 12.61 26.19 14.82
N THR D 111 11.35 26.30 15.25
CA THR D 111 10.96 27.27 16.27
C THR D 111 10.80 26.64 17.64
N SER D 112 11.38 25.47 17.88
CA SER D 112 11.26 24.82 19.16
C SER D 112 12.04 25.57 20.23
N THR D 113 11.64 25.36 21.48
CA THR D 113 12.27 26.05 22.60
C THR D 113 13.75 25.68 22.72
N THR D 114 14.06 24.40 22.57
CA THR D 114 15.42 23.88 22.74
C THR D 114 15.91 23.22 21.46
N TYR D 115 15.67 23.87 20.32
CA TYR D 115 16.11 23.33 19.04
C TYR D 115 17.63 23.39 18.92
N ALA D 116 18.19 22.38 18.26
CA ALA D 116 19.64 22.17 18.25
C ALA D 116 20.35 22.92 17.13
N TYR D 117 19.93 22.70 15.88
CA TYR D 117 20.61 23.31 14.75
C TYR D 117 20.16 24.74 14.52
N ARG D 118 20.25 25.57 15.56
CA ARG D 118 19.85 26.96 15.51
C ARG D 118 20.96 27.81 16.11
N GLY D 119 21.16 28.99 15.55
CA GLY D 119 22.23 29.88 15.96
C GLY D 119 21.92 30.57 17.28
N GLN D 120 22.94 31.29 17.77
CA GLN D 120 22.80 32.00 19.04
C GLN D 120 21.91 33.24 18.89
N GLY D 121 21.89 33.84 17.72
CA GLY D 121 21.03 34.98 17.46
C GLY D 121 21.74 36.30 17.67
N THR D 122 21.26 37.32 16.97
CA THR D 122 21.79 38.67 17.08
C THR D 122 20.64 39.61 17.43
N GLN D 123 20.92 40.60 18.28
CA GLN D 123 19.88 41.52 18.73
C GLN D 123 19.66 42.61 17.70
N VAL D 124 18.39 42.91 17.42
CA VAL D 124 18.00 44.01 16.55
C VAL D 124 17.07 44.92 17.36
N THR D 125 17.53 46.14 17.61
CA THR D 125 16.79 47.12 18.40
C THR D 125 16.42 48.28 17.49
N VAL D 126 15.13 48.43 17.22
CA VAL D 126 14.64 49.47 16.34
C VAL D 126 14.34 50.74 17.13
N ALA E 1 -30.47 -12.60 -24.27
CA ALA E 1 -30.13 -14.02 -24.28
C ALA E 1 -28.62 -14.21 -24.29
N VAL E 2 -28.17 -15.28 -23.63
CA VAL E 2 -26.74 -15.59 -23.62
C VAL E 2 -26.30 -15.96 -25.03
N SER E 3 -25.25 -15.29 -25.51
CA SER E 3 -24.92 -15.38 -26.92
C SER E 3 -24.22 -16.71 -27.25
N GLU E 4 -23.39 -17.21 -26.34
CA GLU E 4 -22.67 -18.45 -26.62
C GLU E 4 -23.61 -19.64 -26.61
N HIS E 5 -24.53 -19.70 -25.65
CA HIS E 5 -25.53 -20.77 -25.64
C HIS E 5 -26.45 -20.68 -26.85
N GLN E 6 -26.82 -19.46 -27.24
CA GLN E 6 -27.68 -19.29 -28.44
C GLN E 6 -26.94 -19.84 -29.67
N LEU E 7 -25.65 -19.53 -29.80
CA LEU E 7 -24.85 -20.02 -30.95
C LEU E 7 -24.77 -21.55 -30.92
N LEU E 8 -24.71 -22.16 -29.73
CA LEU E 8 -24.69 -23.64 -29.60
C LEU E 8 -26.01 -24.20 -30.15
N HIS E 9 -27.13 -23.61 -29.75
CA HIS E 9 -28.45 -24.07 -30.26
C HIS E 9 -28.53 -23.83 -31.76
N ASP E 10 -28.06 -22.67 -32.22
CA ASP E 10 -28.13 -22.31 -33.67
C ASP E 10 -27.26 -23.26 -34.50
N LYS E 11 -26.02 -23.51 -34.08
CA LYS E 11 -25.10 -24.38 -34.88
C LYS E 11 -25.63 -25.82 -34.85
N GLY E 12 -26.15 -26.27 -33.72
CA GLY E 12 -26.69 -27.64 -33.60
C GLY E 12 -27.89 -27.84 -34.50
N LYS E 13 -28.79 -26.85 -34.58
CA LYS E 13 -29.96 -26.93 -35.50
C LYS E 13 -29.44 -26.91 -36.94
N SER E 14 -28.57 -25.96 -37.25
CA SER E 14 -27.99 -25.87 -38.62
C SER E 14 -27.43 -27.23 -39.02
N ILE E 15 -26.62 -27.83 -38.16
CA ILE E 15 -25.97 -29.08 -38.51
C ILE E 15 -27.01 -30.17 -38.75
N GLN E 16 -27.99 -30.28 -37.84
CA GLN E 16 -28.99 -31.33 -38.00
C GLN E 16 -29.91 -31.05 -39.18
N ASP E 17 -30.21 -29.77 -39.46
CA ASP E 17 -31.02 -29.45 -40.64
C ASP E 17 -30.28 -29.81 -41.92
N LEU E 18 -28.97 -29.54 -41.97
CA LEU E 18 -28.19 -29.94 -43.14
C LEU E 18 -28.15 -31.45 -43.30
N ARG E 19 -28.02 -32.18 -42.19
CA ARG E 19 -28.03 -33.64 -42.28
C ARG E 19 -29.37 -34.15 -42.80
N ARG E 20 -30.47 -33.60 -42.29
CA ARG E 20 -31.80 -34.02 -42.74
C ARG E 20 -32.02 -33.67 -44.21
N ARG E 21 -31.56 -32.48 -44.63
CA ARG E 21 -31.68 -32.09 -46.02
C ARG E 21 -30.86 -32.99 -46.92
N PHE E 22 -29.66 -33.39 -46.48
CA PHE E 22 -28.85 -34.32 -47.25
C PHE E 22 -29.55 -35.66 -47.39
N PHE E 23 -30.19 -36.12 -46.30
CA PHE E 23 -30.97 -37.38 -46.37
C PHE E 23 -32.13 -37.18 -47.35
N LEU E 24 -32.97 -36.17 -47.09
CA LEU E 24 -34.17 -35.93 -47.95
C LEU E 24 -33.73 -35.70 -49.40
N HIS E 25 -32.70 -34.87 -49.61
CA HIS E 25 -32.27 -34.56 -51.00
C HIS E 25 -31.97 -35.86 -51.74
N HIS E 26 -31.18 -36.75 -51.13
CA HIS E 26 -30.82 -38.03 -51.78
C HIS E 26 -32.10 -38.78 -52.16
N LEU E 27 -33.04 -38.91 -51.21
CA LEU E 27 -34.28 -39.68 -51.48
C LEU E 27 -35.03 -39.06 -52.66
N ILE E 28 -35.21 -37.73 -52.63
CA ILE E 28 -36.00 -37.05 -53.72
C ILE E 28 -35.28 -37.25 -55.05
N ALA E 29 -33.96 -37.03 -55.07
CA ALA E 29 -33.18 -37.24 -56.31
C ALA E 29 -33.30 -38.70 -56.73
N GLU E 30 -33.31 -39.61 -55.74
CA GLU E 30 -33.42 -41.06 -56.03
C GLU E 30 -34.75 -41.33 -56.76
N ILE E 31 -35.83 -40.71 -56.29
CA ILE E 31 -37.18 -40.95 -56.90
C ILE E 31 -37.41 -39.92 -58.00
N HIS E 32 -36.46 -39.00 -58.19
CA HIS E 32 -36.62 -37.92 -59.21
C HIS E 32 -35.24 -37.44 -59.67
N VAL F 35 -36.24 -29.19 -32.82
CA VAL F 35 -36.47 -29.40 -34.24
C VAL F 35 -36.50 -30.89 -34.55
N MET F 36 -37.18 -31.25 -35.64
CA MET F 36 -37.27 -32.65 -36.06
C MET F 36 -35.94 -33.09 -36.65
N THR F 37 -35.29 -34.04 -35.99
CA THR F 37 -33.98 -34.51 -36.42
C THR F 37 -34.13 -35.45 -37.61
N LYS F 38 -33.00 -36.00 -38.06
CA LYS F 38 -33.03 -36.99 -39.13
C LYS F 38 -33.73 -38.26 -38.68
N GLU F 39 -33.52 -38.66 -37.42
CA GLU F 39 -34.17 -39.87 -36.91
C GLU F 39 -35.68 -39.69 -36.85
N GLU F 40 -36.16 -38.52 -36.43
CA GLU F 40 -37.60 -38.28 -36.39
C GLU F 40 -38.20 -38.31 -37.79
N GLN F 41 -37.50 -37.72 -38.77
CA GLN F 41 -37.97 -37.78 -40.15
C GLN F 41 -38.01 -39.20 -40.67
N ILE F 42 -37.00 -40.01 -40.31
CA ILE F 42 -36.98 -41.40 -40.72
C ILE F 42 -38.14 -42.17 -40.09
N PHE F 43 -38.43 -41.90 -38.82
CA PHE F 43 -39.57 -42.55 -38.16
C PHE F 43 -40.89 -42.17 -38.82
N LEU F 44 -41.05 -40.88 -39.16
CA LEU F 44 -42.25 -40.44 -39.84
C LEU F 44 -42.37 -41.08 -41.22
N LEU F 45 -41.25 -41.20 -41.93
CA LEU F 45 -41.26 -41.85 -43.24
C LEU F 45 -41.65 -43.32 -43.11
N HIS F 46 -41.15 -44.01 -42.07
CA HIS F 46 -41.54 -45.39 -41.85
C HIS F 46 -43.03 -45.51 -41.55
N ARG F 47 -43.56 -44.59 -40.74
CA ARG F 47 -44.99 -44.61 -40.45
C ARG F 47 -45.81 -44.38 -41.72
N ALA F 48 -45.37 -43.44 -42.56
CA ALA F 48 -46.07 -43.19 -43.82
C ALA F 48 -45.99 -44.39 -44.74
N GLN F 49 -44.83 -45.07 -44.77
CA GLN F 49 -44.70 -46.27 -45.58
C GLN F 49 -45.63 -47.37 -45.10
N ALA F 50 -45.74 -47.55 -43.78
CA ALA F 50 -46.66 -48.55 -43.24
C ALA F 50 -48.10 -48.21 -43.59
N GLN F 51 -48.47 -46.93 -43.47
CA GLN F 51 -49.83 -46.53 -43.83
C GLN F 51 -50.11 -46.75 -45.30
N CYS F 52 -49.15 -46.43 -46.17
CA CYS F 52 -49.34 -46.64 -47.60
C CYS F 52 -49.43 -48.13 -47.94
N GLU F 53 -48.64 -48.97 -47.27
CA GLU F 53 -48.73 -50.40 -47.48
C GLU F 53 -50.09 -50.93 -47.04
N LYS F 54 -50.61 -50.44 -45.91
CA LYS F 54 -51.95 -50.82 -45.47
C LYS F 54 -52.99 -50.39 -46.49
N ARG F 55 -52.84 -49.19 -47.05
CA ARG F 55 -53.76 -48.72 -48.09
C ARG F 55 -53.69 -49.60 -49.33
N LEU F 56 -52.49 -50.02 -49.72
CA LEU F 56 -52.33 -50.92 -50.86
C LEU F 56 -53.01 -52.26 -50.59
N LYS F 57 -52.89 -52.77 -49.37
CA LYS F 57 -53.56 -54.01 -49.02
C LYS F 57 -55.08 -53.85 -49.11
N GLU F 58 -55.60 -52.71 -48.66
CA GLU F 58 -57.03 -52.44 -48.73
C GLU F 58 -57.44 -52.05 -50.15
N GLY F 109 -56.88 -48.40 -71.10
CA GLY F 109 -58.11 -48.83 -70.44
C GLY F 109 -57.86 -49.50 -69.11
N ARG F 110 -56.63 -49.96 -68.89
CA ARG F 110 -56.27 -50.63 -67.65
C ARG F 110 -55.57 -49.64 -66.73
N PRO F 111 -56.15 -49.30 -65.58
CA PRO F 111 -55.47 -48.35 -64.67
C PRO F 111 -54.21 -48.96 -64.06
N CYS F 112 -53.26 -48.08 -63.77
CA CYS F 112 -52.02 -48.51 -63.14
C CYS F 112 -52.26 -48.93 -61.69
N LEU F 113 -51.56 -49.97 -61.27
CA LEU F 113 -51.67 -50.42 -59.89
C LEU F 113 -50.96 -49.44 -58.97
N PRO F 114 -51.55 -49.15 -57.81
CA PRO F 114 -50.91 -48.24 -56.86
C PRO F 114 -49.63 -48.83 -56.28
N GLU F 115 -48.71 -47.94 -55.94
CA GLU F 115 -47.40 -48.36 -55.45
C GLU F 115 -46.84 -47.29 -54.51
N TRP F 116 -45.86 -47.71 -53.72
CA TRP F 116 -45.16 -46.84 -52.77
C TRP F 116 -43.74 -46.64 -53.26
N ASP F 117 -43.33 -45.38 -53.38
CA ASP F 117 -42.03 -45.03 -53.94
C ASP F 117 -41.12 -44.34 -52.92
N HIS F 118 -41.30 -44.63 -51.64
CA HIS F 118 -40.52 -44.11 -50.52
C HIS F 118 -40.61 -42.59 -50.38
N ILE F 119 -41.42 -41.91 -51.19
CA ILE F 119 -41.63 -40.48 -51.09
C ILE F 119 -43.11 -40.14 -50.92
N LEU F 120 -43.96 -40.75 -51.75
CA LEU F 120 -45.40 -40.48 -51.71
C LEU F 120 -46.16 -41.76 -52.00
N CYS F 121 -47.41 -41.80 -51.55
CA CYS F 121 -48.32 -42.89 -51.85
C CYS F 121 -49.22 -42.48 -53.00
N TRP F 122 -49.17 -43.24 -54.08
CA TRP F 122 -49.89 -42.90 -55.31
C TRP F 122 -51.09 -43.82 -55.48
N PRO F 123 -52.28 -43.26 -55.73
CA PRO F 123 -53.44 -44.11 -56.01
C PRO F 123 -53.38 -44.71 -57.41
N LEU F 124 -54.45 -45.40 -57.82
CA LEU F 124 -54.49 -45.99 -59.14
C LEU F 124 -54.40 -44.91 -60.21
N GLY F 125 -53.45 -45.08 -61.12
CA GLY F 125 -53.25 -44.08 -62.17
C GLY F 125 -54.22 -44.27 -63.32
N ALA F 126 -54.68 -43.15 -63.87
CA ALA F 126 -55.58 -43.18 -65.00
C ALA F 126 -54.85 -43.74 -66.23
N PRO F 127 -55.49 -44.61 -67.01
CA PRO F 127 -54.81 -45.20 -68.18
C PRO F 127 -54.48 -44.13 -69.21
N GLY F 128 -53.19 -44.01 -69.52
CA GLY F 128 -52.73 -43.05 -70.51
C GLY F 128 -52.82 -41.61 -70.07
N GLU F 129 -52.85 -41.36 -68.76
CA GLU F 129 -52.95 -40.00 -68.23
C GLU F 129 -51.97 -39.82 -67.09
N VAL F 130 -51.57 -38.57 -66.87
CA VAL F 130 -50.65 -38.25 -65.79
C VAL F 130 -51.41 -38.13 -64.48
N VAL F 131 -50.80 -38.63 -63.40
CA VAL F 131 -51.40 -38.61 -62.07
C VAL F 131 -50.58 -37.66 -61.20
N ALA F 132 -51.27 -36.69 -60.59
CA ALA F 132 -50.63 -35.70 -59.73
C ALA F 132 -51.09 -35.90 -58.30
N VAL F 133 -50.15 -35.87 -57.36
CA VAL F 133 -50.44 -36.06 -55.95
C VAL F 133 -49.78 -34.94 -55.13
N PRO F 134 -50.45 -34.42 -54.09
CA PRO F 134 -49.84 -33.35 -53.31
C PRO F 134 -48.59 -33.83 -52.57
N CYS F 135 -47.69 -32.89 -52.31
CA CYS F 135 -46.46 -33.22 -51.60
C CYS F 135 -46.79 -33.70 -50.19
N PRO F 136 -46.04 -34.66 -49.65
CA PRO F 136 -46.39 -35.23 -48.34
C PRO F 136 -46.30 -34.20 -47.22
N ASP F 137 -47.23 -34.31 -46.27
CA ASP F 137 -47.23 -33.42 -45.12
C ASP F 137 -46.16 -33.79 -44.10
N TYR F 138 -45.78 -35.06 -44.04
CA TYR F 138 -44.81 -35.53 -43.06
C TYR F 138 -43.39 -35.01 -43.31
N ILE F 139 -43.12 -34.46 -44.49
CA ILE F 139 -41.80 -33.94 -44.81
C ILE F 139 -41.77 -32.45 -44.48
N TYR F 140 -40.83 -32.05 -43.61
CA TYR F 140 -40.76 -30.66 -43.18
C TYR F 140 -40.32 -29.75 -44.32
N ASP F 141 -39.30 -30.18 -45.07
CA ASP F 141 -38.75 -29.33 -46.15
C ASP F 141 -39.50 -29.61 -47.46
N PHE F 142 -40.83 -29.58 -47.42
CA PHE F 142 -41.64 -29.82 -48.65
C PHE F 142 -42.70 -28.74 -48.80
N ASN F 143 -42.75 -28.10 -49.98
CA ASN F 143 -43.79 -27.07 -50.25
C ASN F 143 -45.14 -27.77 -50.40
N HIS F 144 -45.85 -28.00 -49.29
CA HIS F 144 -47.13 -28.69 -49.33
C HIS F 144 -48.04 -28.16 -50.43
N LYS F 145 -47.77 -26.96 -50.95
CA LYS F 145 -48.58 -26.41 -52.03
C LYS F 145 -48.26 -27.04 -53.38
N GLY F 146 -47.10 -27.67 -53.53
CA GLY F 146 -46.72 -28.29 -54.77
C GLY F 146 -47.35 -29.66 -54.97
N HIS F 147 -47.12 -30.22 -56.14
CA HIS F 147 -47.65 -31.53 -56.50
C HIS F 147 -46.64 -32.30 -57.33
N ALA F 148 -46.45 -33.57 -57.00
CA ALA F 148 -45.59 -34.46 -57.77
C ALA F 148 -46.41 -35.16 -58.85
N TYR F 149 -45.73 -35.51 -59.93
CA TYR F 149 -46.38 -36.07 -61.12
C TYR F 149 -45.77 -37.42 -61.47
N ARG F 150 -46.62 -38.33 -61.93
CA ARG F 150 -46.19 -39.63 -62.44
C ARG F 150 -46.98 -39.93 -63.71
N ARG F 151 -46.39 -40.77 -64.57
CA ARG F 151 -46.98 -41.14 -65.84
C ARG F 151 -47.49 -42.56 -65.79
N CYS F 152 -48.69 -42.78 -66.31
CA CYS F 152 -49.33 -44.09 -66.35
C CYS F 152 -49.63 -44.48 -67.78
N ASP F 153 -49.39 -45.75 -68.11
CA ASP F 153 -49.65 -46.26 -69.44
C ASP F 153 -51.05 -46.84 -69.52
N ARG F 154 -51.47 -47.21 -70.74
CA ARG F 154 -52.80 -47.77 -70.95
C ARG F 154 -52.88 -49.25 -70.61
N ASN F 155 -51.75 -49.93 -70.45
CA ASN F 155 -51.74 -51.35 -70.16
C ASN F 155 -51.80 -51.66 -68.67
N GLY F 156 -51.78 -50.65 -67.81
CA GLY F 156 -51.82 -50.84 -66.37
C GLY F 156 -50.48 -50.83 -65.68
N SER F 157 -49.41 -50.45 -66.36
CA SER F 157 -48.08 -50.40 -65.80
C SER F 157 -47.57 -48.96 -65.81
N TRP F 158 -46.93 -48.54 -64.73
CA TRP F 158 -46.41 -47.19 -64.65
C TRP F 158 -45.29 -46.97 -65.67
N GLU F 159 -45.28 -45.80 -66.28
CA GLU F 159 -44.26 -45.49 -67.27
C GLU F 159 -42.89 -45.38 -66.63
N LEU F 160 -41.87 -45.81 -67.35
CA LEU F 160 -40.49 -45.78 -66.90
C LEU F 160 -39.69 -44.77 -67.71
N VAL F 161 -38.64 -44.24 -67.09
CA VAL F 161 -37.78 -43.27 -67.79
C VAL F 161 -37.07 -43.97 -68.95
N PRO F 162 -36.88 -43.32 -70.09
CA PRO F 162 -36.20 -43.97 -71.21
C PRO F 162 -34.78 -44.37 -70.85
N GLY F 163 -34.36 -45.54 -71.34
CA GLY F 163 -33.02 -46.03 -71.12
C GLY F 163 -32.75 -46.62 -69.75
N HIS F 164 -33.77 -46.75 -68.90
CA HIS F 164 -33.59 -47.29 -67.57
C HIS F 164 -34.90 -47.90 -67.09
N ASN F 165 -34.79 -48.74 -66.06
CA ASN F 165 -35.97 -49.38 -65.48
C ASN F 165 -36.62 -48.55 -64.39
N ARG F 166 -36.04 -47.40 -64.03
CA ARG F 166 -36.61 -46.57 -62.98
C ARG F 166 -37.95 -45.98 -63.43
N THR F 167 -38.91 -45.95 -62.51
CA THR F 167 -40.22 -45.42 -62.81
C THR F 167 -40.15 -43.91 -63.05
N TRP F 168 -40.87 -43.44 -64.05
CA TRP F 168 -40.91 -42.01 -64.34
C TRP F 168 -41.60 -41.26 -63.22
N ALA F 169 -41.04 -40.12 -62.84
CA ALA F 169 -41.58 -39.30 -61.76
C ALA F 169 -41.06 -37.88 -61.92
N ASN F 170 -41.69 -36.96 -61.18
CA ASN F 170 -41.32 -35.55 -61.23
C ASN F 170 -41.63 -34.95 -59.86
N TYR F 171 -40.59 -34.70 -59.07
CA TYR F 171 -40.72 -34.10 -57.75
C TYR F 171 -40.15 -32.69 -57.69
N SER F 172 -40.19 -31.95 -58.81
CA SER F 172 -39.62 -30.61 -58.83
C SER F 172 -40.44 -29.64 -57.98
N GLU F 173 -41.73 -29.93 -57.79
CA GLU F 173 -42.58 -29.02 -57.03
C GLU F 173 -42.26 -29.07 -55.54
N CYS F 174 -42.08 -30.27 -54.99
CA CYS F 174 -41.87 -30.40 -53.52
C CYS F 174 -40.53 -29.82 -53.10
N VAL F 175 -39.59 -29.64 -54.03
CA VAL F 175 -38.23 -29.14 -53.68
C VAL F 175 -38.18 -27.62 -53.85
N LYS F 176 -39.34 -26.99 -54.08
CA LYS F 176 -39.39 -25.53 -54.31
C LYS F 176 -38.77 -24.78 -53.14
N PHE F 177 -38.47 -25.48 -52.03
CA PHE F 177 -37.95 -24.80 -50.85
C PHE F 177 -36.49 -25.13 -50.57
N LEU F 178 -35.92 -26.14 -51.24
CA LEU F 178 -34.54 -26.52 -50.97
C LEU F 178 -33.57 -25.46 -51.48
N THR F 179 -32.48 -25.26 -50.75
CA THR F 179 -31.46 -24.29 -51.10
C THR F 179 -30.16 -24.67 -50.40
N ASN F 180 -29.05 -24.53 -51.12
CA ASN F 180 -27.75 -24.88 -50.55
C ASN F 180 -27.43 -24.03 -49.32
N GLU F 181 -27.53 -22.71 -49.46
CA GLU F 181 -27.36 -21.78 -48.34
C GLU F 181 -26.02 -21.99 -47.64
N THR F 182 -24.93 -21.77 -48.38
CA THR F 182 -23.59 -21.90 -47.81
C THR F 182 -23.24 -20.71 -46.93
N ARG F 183 -24.02 -19.63 -46.98
CA ARG F 183 -23.72 -18.44 -46.18
C ARG F 183 -23.81 -18.73 -44.68
N GLU F 184 -24.80 -19.53 -44.26
CA GLU F 184 -24.92 -19.84 -42.85
C GLU F 184 -23.73 -20.64 -42.34
N ARG F 185 -23.29 -21.64 -43.11
CA ARG F 185 -22.11 -22.40 -42.71
C ARG F 185 -20.87 -21.52 -42.70
N GLU F 186 -20.74 -20.63 -43.69
CA GLU F 186 -19.58 -19.74 -43.73
C GLU F 186 -19.55 -18.81 -42.52
N VAL F 187 -20.71 -18.24 -42.15
CA VAL F 187 -20.72 -17.31 -41.02
C VAL F 187 -20.49 -18.07 -39.71
N PHE F 188 -21.00 -19.29 -39.62
CA PHE F 188 -20.76 -20.11 -38.40
C PHE F 188 -19.27 -20.46 -38.30
N ASP F 189 -18.61 -20.73 -39.43
CA ASP F 189 -17.16 -20.98 -39.41
C ASP F 189 -16.39 -19.73 -39.04
N ARG F 190 -16.81 -18.57 -39.55
CA ARG F 190 -16.15 -17.32 -39.21
C ARG F 190 -16.26 -17.01 -37.72
N LEU F 191 -17.46 -17.20 -37.16
CA LEU F 191 -17.65 -16.99 -35.72
C LEU F 191 -16.79 -17.95 -34.92
N GLY F 192 -16.76 -19.22 -35.32
CA GLY F 192 -15.91 -20.18 -34.64
C GLY F 192 -14.45 -19.77 -34.66
N MET F 193 -13.96 -19.34 -35.83
CA MET F 193 -12.58 -18.92 -35.95
C MET F 193 -12.29 -17.72 -35.04
N ILE F 194 -13.18 -16.73 -35.04
CA ILE F 194 -12.89 -15.51 -34.29
C ILE F 194 -12.92 -15.77 -32.78
N TYR F 195 -13.90 -16.53 -32.28
CA TYR F 195 -13.87 -16.74 -30.84
C TYR F 195 -12.79 -17.75 -30.47
N THR F 196 -12.39 -18.63 -31.39
CA THR F 196 -11.26 -19.52 -31.11
C THR F 196 -9.98 -18.72 -30.91
N VAL F 197 -9.70 -17.79 -31.83
CA VAL F 197 -8.51 -16.97 -31.70
C VAL F 197 -8.58 -16.12 -30.44
N GLY F 198 -9.73 -15.49 -30.19
CA GLY F 198 -9.86 -14.63 -29.03
C GLY F 198 -9.70 -15.39 -27.73
N TYR F 199 -10.35 -16.56 -27.63
CA TYR F 199 -10.26 -17.34 -26.41
C TYR F 199 -8.89 -17.96 -26.23
N SER F 200 -8.18 -18.25 -27.32
CA SER F 200 -6.81 -18.73 -27.18
C SER F 200 -5.90 -17.65 -26.61
N VAL F 201 -6.01 -16.43 -27.15
CA VAL F 201 -5.22 -15.32 -26.61
C VAL F 201 -5.59 -15.05 -25.16
N SER F 202 -6.89 -15.07 -24.85
CA SER F 202 -7.33 -14.87 -23.48
C SER F 202 -6.79 -15.96 -22.56
N LEU F 203 -6.81 -17.22 -23.02
CA LEU F 203 -6.31 -18.31 -22.20
C LEU F 203 -4.83 -18.16 -21.90
N ALA F 204 -4.04 -17.81 -22.91
CA ALA F 204 -2.61 -17.61 -22.70
C ALA F 204 -2.35 -16.47 -21.72
N SER F 205 -2.97 -15.31 -21.98
CA SER F 205 -2.74 -14.15 -21.12
C SER F 205 -3.19 -14.40 -19.70
N LEU F 206 -4.34 -15.06 -19.53
CA LEU F 206 -4.87 -15.30 -18.19
C LEU F 206 -4.08 -16.37 -17.46
N THR F 207 -3.54 -17.36 -18.17
CA THR F 207 -2.65 -18.32 -17.52
C THR F 207 -1.40 -17.63 -17.00
N VAL F 208 -0.81 -16.76 -17.82
CA VAL F 208 0.35 -15.99 -17.37
C VAL F 208 -0.02 -15.13 -16.16
N ALA F 209 -1.19 -14.49 -16.23
CA ALA F 209 -1.62 -13.59 -15.15
C ALA F 209 -1.84 -14.34 -13.84
N VAL F 210 -2.51 -15.50 -13.91
CA VAL F 210 -2.79 -16.24 -12.68
C VAL F 210 -1.51 -16.83 -12.11
N LEU F 211 -0.58 -17.25 -12.98
CA LEU F 211 0.71 -17.71 -12.48
C LEU F 211 1.45 -16.58 -11.77
N ILE F 212 1.44 -15.38 -12.35
CA ILE F 212 2.12 -14.25 -11.72
C ILE F 212 1.48 -13.91 -10.38
N LEU F 213 0.14 -13.89 -10.33
CA LEU F 213 -0.54 -13.54 -9.09
C LEU F 213 -0.31 -14.58 -8.01
N ALA F 214 -0.31 -15.86 -8.37
CA ALA F 214 -0.13 -16.92 -7.38
C ALA F 214 1.33 -17.03 -6.95
N TYR F 215 2.27 -16.61 -7.78
CA TYR F 215 3.68 -16.74 -7.44
C TYR F 215 4.08 -15.74 -6.36
N PHE F 216 3.93 -14.45 -6.64
CA PHE F 216 4.34 -13.41 -5.71
C PHE F 216 3.46 -13.45 -4.47
N ARG F 217 4.08 -13.67 -3.31
CA ARG F 217 3.32 -13.83 -2.07
C ARG F 217 2.71 -12.54 -1.57
N ARG F 218 3.41 -11.41 -1.69
CA ARG F 218 2.88 -10.16 -1.14
C ARG F 218 1.68 -9.66 -1.93
N LEU F 219 1.53 -10.14 -3.18
CA LEU F 219 0.33 -9.81 -3.94
C LEU F 219 -0.91 -10.49 -3.42
N HIS F 220 -0.78 -11.46 -2.51
CA HIS F 220 -1.93 -12.19 -1.99
C HIS F 220 -2.83 -11.26 -1.20
N CYS F 221 -3.95 -10.88 -1.80
CA CYS F 221 -4.90 -9.92 -1.18
C CYS F 221 -6.30 -10.44 -1.47
N THR F 222 -7.32 -10.04 -0.72
CA THR F 222 -8.69 -10.49 -1.07
C THR F 222 -9.02 -10.02 -2.50
N ARG F 223 -8.46 -8.87 -2.91
CA ARG F 223 -8.69 -8.37 -4.29
C ARG F 223 -8.11 -9.36 -5.28
N ASN F 224 -6.88 -9.83 -5.04
CA ASN F 224 -6.19 -10.76 -5.97
C ASN F 224 -6.70 -12.19 -5.75
N TYR F 225 -7.31 -12.49 -4.60
CA TYR F 225 -7.94 -13.81 -4.39
C TYR F 225 -9.23 -13.86 -5.21
N ILE F 226 -9.88 -12.72 -5.39
CA ILE F 226 -11.11 -12.65 -6.24
C ILE F 226 -10.68 -12.49 -7.70
N HIS F 227 -9.54 -11.84 -7.94
CA HIS F 227 -9.02 -11.72 -9.30
C HIS F 227 -8.55 -13.06 -9.83
N MET F 228 -7.83 -13.84 -9.02
CA MET F 228 -7.38 -15.16 -9.46
C MET F 228 -8.56 -16.09 -9.69
N HIS F 229 -9.58 -16.02 -8.85
CA HIS F 229 -10.77 -16.85 -9.08
C HIS F 229 -11.47 -16.47 -10.37
N LEU F 230 -11.57 -15.17 -10.66
CA LEU F 230 -12.15 -14.72 -11.92
C LEU F 230 -11.32 -15.18 -13.12
N PHE F 231 -9.99 -15.11 -13.00
CA PHE F 231 -9.12 -15.59 -14.06
C PHE F 231 -9.31 -17.09 -14.29
N LEU F 232 -9.41 -17.85 -13.20
CA LEU F 232 -9.63 -19.29 -13.31
C LEU F 232 -10.97 -19.58 -13.98
N SER F 233 -12.01 -18.81 -13.65
CA SER F 233 -13.30 -18.98 -14.29
C SER F 233 -13.21 -18.68 -15.79
N PHE F 234 -12.46 -17.63 -16.15
CA PHE F 234 -12.28 -17.28 -17.56
C PHE F 234 -11.60 -18.42 -18.32
N MET F 235 -10.50 -18.94 -17.77
CA MET F 235 -9.79 -20.03 -18.44
C MET F 235 -10.63 -21.29 -18.50
N LEU F 236 -11.39 -21.59 -17.45
CA LEU F 236 -12.27 -22.74 -17.49
C LEU F 236 -13.33 -22.60 -18.58
N ARG F 237 -13.89 -21.41 -18.71
CA ARG F 237 -14.85 -21.17 -19.79
C ARG F 237 -14.21 -21.37 -21.16
N ALA F 238 -13.02 -20.83 -21.36
CA ALA F 238 -12.35 -20.96 -22.65
C ALA F 238 -12.04 -22.42 -22.97
N VAL F 239 -11.48 -23.15 -22.01
CA VAL F 239 -11.12 -24.54 -22.28
C VAL F 239 -12.37 -25.40 -22.43
N SER F 240 -13.45 -25.07 -21.73
CA SER F 240 -14.69 -25.80 -21.91
C SER F 240 -15.24 -25.59 -23.31
N ILE F 241 -15.15 -24.36 -23.83
CA ILE F 241 -15.58 -24.11 -25.21
C ILE F 241 -14.72 -24.90 -26.19
N PHE F 242 -13.41 -24.92 -25.96
CA PHE F 242 -12.52 -25.69 -26.85
C PHE F 242 -12.86 -27.18 -26.81
N VAL F 243 -13.08 -27.73 -25.62
CA VAL F 243 -13.40 -29.15 -25.50
C VAL F 243 -14.73 -29.46 -26.15
N LYS F 244 -15.72 -28.58 -25.97
CA LYS F 244 -17.02 -28.78 -26.63
C LYS F 244 -16.87 -28.77 -28.15
N ASP F 245 -16.11 -27.82 -28.68
CA ASP F 245 -15.91 -27.75 -30.12
C ASP F 245 -15.23 -29.00 -30.65
N ALA F 246 -14.20 -29.49 -29.93
CA ALA F 246 -13.49 -30.67 -30.37
C ALA F 246 -14.37 -31.92 -30.30
N VAL F 247 -15.07 -32.10 -29.18
CA VAL F 247 -15.85 -33.32 -28.96
C VAL F 247 -17.07 -33.37 -29.87
N LEU F 248 -17.78 -32.26 -30.01
CA LEU F 248 -19.12 -32.29 -30.60
C LEU F 248 -19.16 -31.84 -32.05
N TYR F 249 -18.25 -30.96 -32.48
CA TYR F 249 -18.25 -30.44 -33.84
C TYR F 249 -17.13 -31.04 -34.68
N SER F 250 -16.74 -32.29 -34.40
CA SER F 250 -15.72 -32.96 -35.18
C SER F 250 -16.11 -34.42 -35.43
N GLY F 281 -26.45 -39.50 -29.58
CA GLY F 281 -26.17 -38.74 -28.37
C GLY F 281 -25.69 -39.61 -27.22
N TYR F 282 -24.39 -39.54 -26.94
CA TYR F 282 -23.78 -40.34 -25.90
C TYR F 282 -23.37 -39.46 -24.72
N ALA F 283 -22.88 -40.12 -23.66
CA ALA F 283 -22.57 -39.41 -22.43
C ALA F 283 -21.41 -38.43 -22.60
N GLY F 284 -20.42 -38.78 -23.42
CA GLY F 284 -19.28 -37.90 -23.61
C GLY F 284 -19.61 -36.58 -24.24
N CYS F 285 -20.74 -36.49 -24.93
CA CYS F 285 -21.25 -35.24 -25.51
C CYS F 285 -22.06 -34.44 -24.51
N ARG F 286 -22.96 -35.12 -23.80
CA ARG F 286 -23.79 -34.43 -22.81
C ARG F 286 -22.95 -33.86 -21.67
N VAL F 287 -21.94 -34.60 -21.22
CA VAL F 287 -21.10 -34.09 -20.14
C VAL F 287 -20.28 -32.90 -20.61
N ALA F 288 -19.83 -32.92 -21.87
CA ALA F 288 -19.09 -31.79 -22.41
C ALA F 288 -19.96 -30.55 -22.49
N VAL F 289 -21.20 -30.70 -22.97
CA VAL F 289 -22.12 -29.56 -23.04
C VAL F 289 -22.42 -29.04 -21.64
N THR F 290 -22.63 -29.95 -20.69
CA THR F 290 -22.92 -29.54 -19.31
C THR F 290 -21.76 -28.76 -18.72
N PHE F 291 -20.53 -29.24 -18.92
CA PHE F 291 -19.37 -28.52 -18.40
C PHE F 291 -19.21 -27.17 -19.09
N PHE F 292 -19.47 -27.10 -20.40
CA PHE F 292 -19.42 -25.83 -21.10
C PHE F 292 -20.38 -24.81 -20.46
N LEU F 293 -21.63 -25.22 -20.28
CA LEU F 293 -22.63 -24.31 -19.71
C LEU F 293 -22.26 -23.93 -18.28
N TYR F 294 -21.83 -24.89 -17.47
CA TYR F 294 -21.50 -24.61 -16.08
C TYR F 294 -20.34 -23.62 -15.98
N PHE F 295 -19.29 -23.83 -16.77
CA PHE F 295 -18.14 -22.95 -16.68
C PHE F 295 -18.44 -21.57 -17.25
N LEU F 296 -19.29 -21.49 -18.27
CA LEU F 296 -19.76 -20.19 -18.74
C LEU F 296 -20.50 -19.44 -17.63
N ALA F 297 -21.40 -20.16 -16.94
CA ALA F 297 -22.14 -19.54 -15.84
C ALA F 297 -21.22 -19.10 -14.71
N THR F 298 -20.20 -19.91 -14.39
CA THR F 298 -19.25 -19.52 -13.35
C THR F 298 -18.47 -18.28 -13.76
N ASN F 299 -18.09 -18.17 -15.03
CA ASN F 299 -17.39 -16.97 -15.48
C ASN F 299 -18.27 -15.74 -15.34
N TYR F 300 -19.54 -15.85 -15.76
CA TYR F 300 -20.45 -14.72 -15.61
C TYR F 300 -20.63 -14.35 -14.14
N TYR F 301 -20.77 -15.34 -13.27
CA TYR F 301 -21.03 -15.06 -11.87
C TYR F 301 -19.81 -14.56 -11.13
N TRP F 302 -18.61 -14.91 -11.57
CA TRP F 302 -17.41 -14.31 -11.00
C TRP F 302 -17.19 -12.90 -11.53
N ILE F 303 -17.60 -12.62 -12.77
CA ILE F 303 -17.67 -11.24 -13.22
C ILE F 303 -18.59 -10.43 -12.32
N LEU F 304 -19.72 -11.02 -11.94
CA LEU F 304 -20.63 -10.37 -10.98
C LEU F 304 -19.96 -10.22 -9.61
N VAL F 305 -19.21 -11.22 -9.17
CA VAL F 305 -18.59 -11.19 -7.85
C VAL F 305 -17.54 -10.08 -7.77
N GLU F 306 -16.82 -9.84 -8.88
CA GLU F 306 -15.88 -8.72 -8.91
C GLU F 306 -16.57 -7.40 -8.58
N GLY F 307 -17.67 -7.12 -9.27
CA GLY F 307 -18.41 -5.90 -9.01
C GLY F 307 -19.00 -5.86 -7.62
N LEU F 308 -19.51 -7.01 -7.15
CA LEU F 308 -20.06 -7.06 -5.79
C LEU F 308 -18.98 -6.75 -4.75
N TYR F 309 -17.79 -7.29 -4.94
CA TYR F 309 -16.69 -7.08 -3.97
C TYR F 309 -16.22 -5.63 -4.01
N LEU F 310 -16.11 -5.03 -5.19
CA LEU F 310 -15.73 -3.61 -5.25
C LEU F 310 -16.81 -2.72 -4.65
N HIS F 311 -18.07 -3.03 -4.92
CA HIS F 311 -19.17 -2.26 -4.36
C HIS F 311 -19.22 -2.38 -2.84
N SER F 312 -18.90 -3.56 -2.32
CA SER F 312 -18.82 -3.74 -0.87
C SER F 312 -17.64 -2.98 -0.28
N LEU F 313 -16.51 -2.96 -0.99
CA LEU F 313 -15.37 -2.20 -0.52
C LEU F 313 -15.70 -0.71 -0.43
N ILE F 314 -16.45 -0.20 -1.40
CA ILE F 314 -16.78 1.23 -1.39
C ILE F 314 -17.85 1.54 -0.35
N PHE F 315 -18.97 0.81 -0.39
CA PHE F 315 -20.13 1.16 0.42
C PHE F 315 -20.17 0.44 1.77
N MET F 316 -19.30 -0.54 1.99
CA MET F 316 -19.15 -1.23 3.27
C MET F 316 -17.68 -1.33 3.64
N ALA F 317 -16.98 -0.19 3.56
CA ALA F 317 -15.54 -0.16 3.72
C ALA F 317 -15.09 -0.77 5.04
N PHE F 318 -15.92 -0.70 6.07
CA PHE F 318 -15.69 -1.40 7.32
C PHE F 318 -16.11 -2.86 7.10
N PHE F 319 -15.14 -3.70 6.77
CA PHE F 319 -15.38 -4.97 6.10
C PHE F 319 -15.09 -6.15 7.01
N SER F 320 -15.85 -7.23 6.84
CA SER F 320 -15.61 -8.50 7.53
C SER F 320 -15.05 -9.47 6.49
N GLU F 321 -13.74 -9.42 6.27
CA GLU F 321 -13.15 -10.21 5.15
C GLU F 321 -13.27 -11.72 5.32
N LYS F 322 -13.16 -12.23 6.55
CA LYS F 322 -13.10 -13.69 6.70
C LYS F 322 -14.36 -14.37 6.17
N LYS F 323 -15.52 -13.92 6.63
CA LYS F 323 -16.77 -14.55 6.21
C LYS F 323 -17.14 -14.16 4.79
N TYR F 324 -16.90 -12.90 4.42
CA TYR F 324 -17.37 -12.41 3.12
C TYR F 324 -16.58 -13.01 1.96
N LEU F 325 -15.28 -13.23 2.12
CA LEU F 325 -14.45 -13.85 1.04
C LEU F 325 -14.89 -15.30 0.81
N TRP F 326 -15.21 -16.04 1.88
CA TRP F 326 -15.74 -17.40 1.72
C TRP F 326 -17.12 -17.37 1.10
N GLY F 327 -17.97 -16.43 1.52
CA GLY F 327 -19.29 -16.33 0.93
C GLY F 327 -19.25 -16.03 -0.55
N PHE F 328 -18.38 -15.10 -0.95
CA PHE F 328 -18.24 -14.76 -2.37
C PHE F 328 -17.76 -15.97 -3.16
N THR F 329 -16.75 -16.67 -2.66
CA THR F 329 -16.23 -17.84 -3.37
C THR F 329 -17.30 -18.91 -3.52
N VAL F 330 -17.99 -19.24 -2.43
CA VAL F 330 -18.99 -20.29 -2.46
C VAL F 330 -20.14 -19.90 -3.39
N PHE F 331 -20.60 -18.65 -3.30
CA PHE F 331 -21.67 -18.19 -4.17
C PHE F 331 -21.26 -18.30 -5.64
N GLY F 332 -20.11 -17.71 -5.98
CA GLY F 332 -19.71 -17.65 -7.37
C GLY F 332 -19.44 -19.00 -7.99
N TRP F 333 -18.92 -19.95 -7.19
CA TRP F 333 -18.63 -21.27 -7.75
C TRP F 333 -19.79 -22.24 -7.58
N GLY F 334 -20.79 -21.93 -6.75
CA GLY F 334 -21.83 -22.89 -6.46
C GLY F 334 -23.20 -22.59 -7.01
N LEU F 335 -23.62 -21.32 -7.02
CA LEU F 335 -24.91 -20.99 -7.61
C LEU F 335 -24.99 -21.39 -9.08
N PRO F 336 -23.98 -21.11 -9.92
CA PRO F 336 -23.99 -21.70 -11.26
C PRO F 336 -24.08 -23.22 -11.24
N ALA F 337 -23.38 -23.86 -10.31
CA ALA F 337 -23.55 -25.31 -10.17
C ALA F 337 -24.97 -25.66 -9.81
N VAL F 338 -25.62 -24.83 -8.99
CA VAL F 338 -26.99 -25.13 -8.56
C VAL F 338 -27.94 -25.12 -9.75
N PHE F 339 -27.95 -24.03 -10.53
CA PHE F 339 -28.94 -24.06 -11.61
C PHE F 339 -28.48 -24.88 -12.81
N VAL F 340 -27.18 -25.18 -12.95
CA VAL F 340 -26.77 -26.13 -13.97
C VAL F 340 -27.22 -27.54 -13.61
N ALA F 341 -27.14 -27.90 -12.33
CA ALA F 341 -27.67 -29.19 -11.89
C ALA F 341 -29.18 -29.25 -12.05
N VAL F 342 -29.87 -28.13 -11.75
CA VAL F 342 -31.32 -28.10 -11.98
C VAL F 342 -31.64 -28.30 -13.46
N TRP F 343 -30.88 -27.62 -14.34
CA TRP F 343 -31.09 -27.77 -15.77
C TRP F 343 -30.83 -29.21 -16.23
N VAL F 344 -29.77 -29.84 -15.70
CA VAL F 344 -29.46 -31.21 -16.08
C VAL F 344 -30.56 -32.16 -15.63
N SER F 345 -31.05 -31.98 -14.40
CA SER F 345 -32.12 -32.83 -13.89
C SER F 345 -33.38 -32.68 -14.74
N VAL F 346 -33.74 -31.44 -15.07
CA VAL F 346 -34.95 -31.21 -15.86
C VAL F 346 -34.76 -31.75 -17.27
N ARG F 347 -33.57 -31.61 -17.84
CA ARG F 347 -33.28 -32.12 -19.18
C ARG F 347 -33.39 -33.64 -19.23
N ALA F 348 -32.84 -34.32 -18.22
CA ALA F 348 -32.94 -35.77 -18.16
C ALA F 348 -34.36 -36.23 -17.90
N THR F 349 -35.12 -35.47 -17.11
CA THR F 349 -36.49 -35.86 -16.79
C THR F 349 -37.46 -35.65 -17.95
N LEU F 350 -37.26 -34.59 -18.74
CA LEU F 350 -38.24 -34.22 -19.75
C LEU F 350 -37.78 -34.46 -21.18
N ALA F 351 -36.50 -34.26 -21.51
CA ALA F 351 -36.05 -34.42 -22.89
C ALA F 351 -35.11 -35.61 -23.05
N ASN F 352 -33.94 -35.59 -22.38
CA ASN F 352 -32.96 -36.66 -22.41
C ASN F 352 -32.81 -37.29 -23.80
N THR F 353 -32.70 -36.44 -24.82
CA THR F 353 -32.65 -36.91 -26.20
C THR F 353 -31.40 -36.39 -26.89
N GLY F 354 -30.69 -37.30 -27.56
CA GLY F 354 -29.49 -36.96 -28.32
C GLY F 354 -28.46 -36.18 -27.55
N CYS F 355 -27.60 -35.47 -28.27
CA CYS F 355 -26.71 -34.50 -27.62
C CYS F 355 -27.53 -33.35 -27.06
N TRP F 356 -27.05 -32.77 -25.97
CA TRP F 356 -27.72 -31.63 -25.37
C TRP F 356 -27.37 -30.32 -26.06
N ASP F 357 -26.90 -30.39 -27.31
CA ASP F 357 -26.57 -29.22 -28.10
C ASP F 357 -27.81 -28.54 -28.66
N LEU F 358 -28.97 -29.14 -28.54
CA LEU F 358 -30.20 -28.61 -29.12
C LEU F 358 -31.04 -27.88 -28.06
N SER F 359 -31.89 -26.98 -28.54
CA SER F 359 -32.83 -26.31 -27.67
C SER F 359 -34.02 -27.22 -27.38
N SER F 360 -34.61 -27.05 -26.21
CA SER F 360 -35.73 -27.87 -25.76
C SER F 360 -36.83 -27.00 -25.17
N GLY F 361 -37.12 -25.87 -25.81
CA GLY F 361 -38.11 -24.96 -25.31
C GLY F 361 -37.55 -23.95 -24.33
N ASN F 362 -38.27 -23.68 -23.24
CA ASN F 362 -37.86 -22.71 -22.24
C ASN F 362 -36.87 -23.30 -21.24
N LYS F 363 -36.54 -24.58 -21.36
CA LYS F 363 -35.63 -25.23 -20.43
C LYS F 363 -34.27 -24.54 -20.39
N LYS F 364 -33.79 -24.05 -21.54
CA LYS F 364 -32.51 -23.35 -21.58
C LYS F 364 -32.49 -22.17 -20.62
N TRP F 365 -33.64 -21.53 -20.38
CA TRP F 365 -33.67 -20.38 -19.50
C TRP F 365 -33.19 -20.72 -18.10
N ILE F 366 -33.27 -22.00 -17.71
CA ILE F 366 -32.80 -22.42 -16.39
C ILE F 366 -31.36 -22.01 -16.18
N ILE F 367 -30.57 -21.96 -17.26
CA ILE F 367 -29.19 -21.49 -17.17
C ILE F 367 -29.12 -20.05 -17.62
N GLN F 368 -30.00 -19.65 -18.55
CA GLN F 368 -29.83 -18.35 -19.20
C GLN F 368 -30.43 -17.22 -18.37
N VAL F 369 -31.62 -17.44 -17.79
CA VAL F 369 -32.24 -16.39 -16.98
C VAL F 369 -31.38 -15.99 -15.79
N PRO F 370 -30.79 -16.92 -15.01
CA PRO F 370 -29.84 -16.48 -13.98
C PRO F 370 -28.67 -15.68 -14.52
N ILE F 371 -27.97 -16.21 -15.53
CA ILE F 371 -26.77 -15.56 -16.04
C ILE F 371 -27.07 -14.13 -16.47
N LEU F 372 -28.10 -13.96 -17.30
CA LEU F 372 -28.47 -12.62 -17.74
C LEU F 372 -28.75 -11.71 -16.55
N ALA F 373 -29.44 -12.25 -15.53
CA ALA F 373 -29.69 -11.45 -14.34
C ALA F 373 -28.39 -10.88 -13.78
N SER F 374 -27.37 -11.72 -13.62
CA SER F 374 -26.10 -11.23 -13.14
C SER F 374 -25.61 -10.08 -13.99
N ILE F 375 -25.65 -10.24 -15.32
CA ILE F 375 -25.26 -9.17 -16.22
C ILE F 375 -25.95 -7.88 -15.82
N VAL F 376 -27.29 -7.89 -15.77
CA VAL F 376 -28.04 -6.71 -15.37
C VAL F 376 -27.46 -6.14 -14.09
N LEU F 377 -27.40 -6.98 -13.04
CA LEU F 377 -26.94 -6.49 -11.75
C LEU F 377 -25.58 -5.85 -11.87
N ASN F 378 -24.64 -6.52 -12.55
CA ASN F 378 -23.29 -5.98 -12.63
C ASN F 378 -23.30 -4.62 -13.30
N PHE F 379 -24.06 -4.49 -14.39
CA PHE F 379 -24.11 -3.19 -15.07
C PHE F 379 -24.54 -2.11 -14.10
N ILE F 380 -25.58 -2.38 -13.30
CA ILE F 380 -26.03 -1.39 -12.34
C ILE F 380 -24.88 -1.01 -11.42
N LEU F 381 -24.23 -2.01 -10.83
CA LEU F 381 -23.09 -1.73 -9.96
C LEU F 381 -22.09 -0.86 -10.68
N PHE F 382 -21.78 -1.21 -11.93
CA PHE F 382 -20.84 -0.43 -12.73
C PHE F 382 -21.17 1.04 -12.66
N ILE F 383 -22.38 1.42 -13.11
CA ILE F 383 -22.68 2.84 -13.19
C ILE F 383 -22.64 3.45 -11.80
N ASN F 384 -23.16 2.72 -10.80
CA ASN F 384 -23.12 3.23 -9.43
C ASN F 384 -21.69 3.54 -9.03
N ILE F 385 -20.79 2.59 -9.22
CA ILE F 385 -19.40 2.82 -8.88
C ILE F 385 -18.85 3.99 -9.68
N VAL F 386 -19.19 4.05 -10.97
CA VAL F 386 -18.74 5.17 -11.79
C VAL F 386 -19.22 6.48 -11.19
N ARG F 387 -20.50 6.52 -10.79
CA ARG F 387 -21.03 7.71 -10.13
C ARG F 387 -20.15 8.11 -8.95
N VAL F 388 -19.83 7.13 -8.09
CA VAL F 388 -19.01 7.40 -6.92
C VAL F 388 -17.69 8.02 -7.36
N LEU F 389 -17.08 7.47 -8.40
CA LEU F 389 -15.79 8.00 -8.85
C LEU F 389 -15.91 9.48 -9.22
N ALA F 390 -16.98 9.83 -9.93
CA ALA F 390 -17.19 11.23 -10.28
C ALA F 390 -17.24 12.09 -9.03
N THR F 391 -17.97 11.63 -8.01
CA THR F 391 -18.00 12.37 -6.75
C THR F 391 -16.60 12.47 -6.15
N LYS F 392 -15.85 11.38 -6.18
CA LYS F 392 -14.50 11.41 -5.64
C LYS F 392 -13.62 12.39 -6.41
N LEU F 393 -13.97 12.64 -7.67
CA LEU F 393 -13.21 13.63 -8.44
C LEU F 393 -13.80 15.02 -8.28
N ARG F 394 -15.09 15.11 -7.95
CA ARG F 394 -15.72 16.40 -7.79
C ARG F 394 -15.30 17.08 -6.50
N GLU F 395 -15.01 16.29 -5.47
CA GLU F 395 -14.59 16.81 -4.17
C GLU F 395 -13.08 16.99 -4.07
N THR F 396 -12.38 17.06 -5.19
CA THR F 396 -10.95 17.37 -5.18
C THR F 396 -10.62 18.45 -6.22
N THR F 403 -12.26 20.94 -13.95
CA THR F 403 -11.09 20.94 -14.82
C THR F 403 -11.16 19.79 -15.82
N ARG F 404 -10.37 19.88 -16.89
CA ARG F 404 -10.36 18.84 -17.91
C ARG F 404 -9.66 17.57 -17.43
N GLN F 405 -8.69 17.70 -16.52
CA GLN F 405 -8.02 16.54 -15.97
C GLN F 405 -9.01 15.66 -15.21
N GLN F 406 -9.97 16.28 -14.52
CA GLN F 406 -11.00 15.54 -13.82
C GLN F 406 -11.74 14.60 -14.76
N TYR F 407 -12.24 15.13 -15.88
CA TYR F 407 -13.03 14.33 -16.79
C TYR F 407 -12.16 13.34 -17.56
N ARG F 408 -10.91 13.71 -17.85
CA ARG F 408 -10.01 12.75 -18.49
C ARG F 408 -9.74 11.56 -17.59
N LYS F 409 -9.50 11.80 -16.30
CA LYS F 409 -9.29 10.70 -15.37
C LYS F 409 -10.57 9.86 -15.20
N LEU F 410 -11.73 10.51 -15.15
CA LEU F 410 -12.98 9.76 -15.05
C LEU F 410 -13.19 8.88 -16.29
N LEU F 411 -12.90 9.40 -17.48
CA LEU F 411 -13.02 8.62 -18.70
C LEU F 411 -12.05 7.44 -18.69
N LYS F 412 -10.81 7.66 -18.26
CA LYS F 412 -9.85 6.57 -18.18
C LYS F 412 -10.31 5.49 -17.21
N SER F 413 -10.85 5.92 -16.06
CA SER F 413 -11.32 4.96 -15.06
C SER F 413 -12.48 4.13 -15.60
N THR F 414 -13.45 4.77 -16.26
CA THR F 414 -14.57 4.00 -16.80
C THR F 414 -14.11 3.08 -17.92
N LEU F 415 -13.14 3.53 -18.73
CA LEU F 415 -12.61 2.69 -19.80
C LEU F 415 -11.96 1.44 -19.25
N VAL F 416 -11.13 1.58 -18.22
CA VAL F 416 -10.47 0.42 -17.64
C VAL F 416 -11.40 -0.39 -16.75
N LEU F 417 -12.54 0.16 -16.36
CA LEU F 417 -13.48 -0.56 -15.50
C LEU F 417 -14.54 -1.33 -16.29
N MET F 418 -14.80 -0.98 -17.54
CA MET F 418 -15.76 -1.76 -18.32
C MET F 418 -15.36 -3.22 -18.50
N PRO F 419 -14.11 -3.56 -18.87
CA PRO F 419 -13.79 -4.99 -19.04
C PRO F 419 -13.99 -5.82 -17.78
N LEU F 420 -13.70 -5.27 -16.60
CA LEU F 420 -13.85 -6.02 -15.37
C LEU F 420 -15.31 -6.38 -15.11
N PHE F 421 -16.21 -5.44 -15.37
CA PHE F 421 -17.62 -5.62 -15.08
C PHE F 421 -18.38 -6.30 -16.22
N GLY F 422 -17.76 -6.50 -17.37
CA GLY F 422 -18.45 -7.06 -18.52
C GLY F 422 -19.58 -6.17 -18.99
N VAL F 423 -19.30 -4.87 -19.12
CA VAL F 423 -20.32 -3.93 -19.55
C VAL F 423 -20.77 -4.20 -20.98
N HIS F 424 -19.88 -4.72 -21.83
CA HIS F 424 -20.22 -4.98 -23.23
C HIS F 424 -21.36 -5.97 -23.38
N TYR F 425 -21.64 -6.75 -22.34
CA TYR F 425 -22.76 -7.69 -22.40
C TYR F 425 -24.11 -6.98 -22.51
N ILE F 426 -24.19 -5.72 -22.04
CA ILE F 426 -25.50 -5.09 -21.91
C ILE F 426 -26.05 -4.70 -23.28
N VAL F 427 -25.19 -4.61 -24.30
CA VAL F 427 -25.64 -4.12 -25.61
C VAL F 427 -26.62 -5.09 -26.24
N PHE F 428 -26.29 -6.39 -26.26
CA PHE F 428 -27.12 -7.40 -26.89
C PHE F 428 -27.67 -8.40 -25.89
N MET F 429 -27.68 -8.04 -24.60
CA MET F 429 -28.20 -8.94 -23.58
C MET F 429 -29.69 -9.20 -23.76
N ALA F 430 -30.45 -8.16 -24.09
CA ALA F 430 -31.89 -8.26 -24.23
C ALA F 430 -32.33 -8.79 -25.58
N THR F 431 -31.40 -9.06 -26.49
CA THR F 431 -31.77 -9.60 -27.79
C THR F 431 -32.32 -11.01 -27.63
N PRO F 432 -33.50 -11.30 -28.19
CA PRO F 432 -34.03 -12.67 -28.09
C PRO F 432 -33.35 -13.61 -29.05
N TYR F 433 -33.85 -14.85 -29.16
CA TYR F 433 -33.30 -15.80 -30.11
C TYR F 433 -33.65 -15.38 -31.53
N THR F 434 -32.76 -14.59 -32.13
CA THR F 434 -33.03 -14.04 -33.48
C THR F 434 -32.73 -15.07 -34.56
N GLU F 435 -33.50 -15.03 -35.65
CA GLU F 435 -33.28 -15.89 -36.81
C GLU F 435 -31.87 -15.69 -37.34
N VAL F 436 -31.18 -16.80 -37.65
CA VAL F 436 -29.76 -16.70 -38.08
C VAL F 436 -29.65 -15.87 -39.37
N SER F 437 -30.61 -16.02 -40.29
CA SER F 437 -30.57 -15.27 -41.54
C SER F 437 -31.11 -13.85 -41.33
N GLY F 438 -30.37 -13.07 -40.55
CA GLY F 438 -30.75 -11.70 -40.27
C GLY F 438 -29.54 -10.87 -39.94
N THR F 439 -29.64 -9.56 -40.20
CA THR F 439 -28.53 -8.66 -39.92
C THR F 439 -28.33 -8.46 -38.42
N LEU F 440 -29.43 -8.40 -37.66
CA LEU F 440 -29.31 -8.25 -36.21
C LEU F 440 -28.56 -9.44 -35.60
N TRP F 441 -28.93 -10.65 -36.02
CA TRP F 441 -28.25 -11.86 -35.50
C TRP F 441 -26.75 -11.80 -35.84
N GLN F 442 -26.40 -11.46 -37.08
CA GLN F 442 -24.99 -11.48 -37.47
C GLN F 442 -24.20 -10.42 -36.72
N VAL F 443 -24.76 -9.21 -36.57
CA VAL F 443 -24.07 -8.16 -35.83
C VAL F 443 -23.89 -8.59 -34.37
N GLN F 444 -24.96 -9.12 -33.76
CA GLN F 444 -24.90 -9.58 -32.39
C GLN F 444 -23.83 -10.64 -32.22
N MET F 445 -23.81 -11.64 -33.12
CA MET F 445 -22.86 -12.74 -32.98
C MET F 445 -21.43 -12.27 -33.18
N HIS F 446 -21.17 -11.48 -34.22
CA HIS F 446 -19.80 -11.02 -34.44
C HIS F 446 -19.31 -10.20 -33.26
N TYR F 447 -20.11 -9.23 -32.82
CA TYR F 447 -19.73 -8.39 -31.70
C TYR F 447 -19.51 -9.21 -30.44
N GLU F 448 -20.42 -10.17 -30.17
CA GLU F 448 -20.35 -10.92 -28.92
C GLU F 448 -19.18 -11.89 -28.92
N MET F 449 -18.97 -12.63 -30.02
CA MET F 449 -17.79 -13.50 -30.05
C MET F 449 -16.51 -12.69 -29.88
N LEU F 450 -16.36 -11.60 -30.63
CA LEU F 450 -15.14 -10.81 -30.51
C LEU F 450 -14.94 -10.32 -29.08
N PHE F 451 -15.95 -9.66 -28.51
CA PHE F 451 -15.79 -9.02 -27.22
C PHE F 451 -15.68 -10.04 -26.08
N ASN F 452 -16.50 -11.08 -26.10
CA ASN F 452 -16.43 -12.11 -25.06
C ASN F 452 -15.11 -12.86 -25.11
N SER F 453 -14.63 -13.17 -26.31
CA SER F 453 -13.36 -13.90 -26.44
C SER F 453 -12.19 -13.03 -25.97
N PHE F 454 -12.23 -11.73 -26.24
CA PHE F 454 -11.12 -10.87 -25.85
C PHE F 454 -11.31 -10.23 -24.49
N GLN F 455 -12.44 -10.46 -23.81
CA GLN F 455 -12.65 -9.85 -22.50
C GLN F 455 -11.69 -10.39 -21.47
N GLY F 456 -11.43 -11.70 -21.48
CA GLY F 456 -10.45 -12.25 -20.56
C GLY F 456 -9.07 -11.68 -20.79
N PHE F 457 -8.67 -11.54 -22.05
CA PHE F 457 -7.39 -10.94 -22.38
C PHE F 457 -7.32 -9.49 -21.90
N PHE F 458 -8.39 -8.73 -22.12
CA PHE F 458 -8.43 -7.34 -21.66
C PHE F 458 -8.31 -7.26 -20.15
N VAL F 459 -9.04 -8.11 -19.43
CA VAL F 459 -9.00 -8.10 -17.98
C VAL F 459 -7.60 -8.47 -17.49
N ALA F 460 -7.00 -9.49 -18.09
CA ALA F 460 -5.66 -9.89 -17.71
C ALA F 460 -4.67 -8.75 -17.90
N ILE F 461 -4.71 -8.09 -19.07
CA ILE F 461 -3.80 -7.00 -19.35
C ILE F 461 -3.99 -5.87 -18.34
N ILE F 462 -5.24 -5.45 -18.13
CA ILE F 462 -5.51 -4.26 -17.34
C ILE F 462 -5.21 -4.50 -15.86
N TYR F 463 -5.67 -5.63 -15.32
CA TYR F 463 -5.64 -5.85 -13.88
C TYR F 463 -4.48 -6.73 -13.43
N CYS F 464 -3.65 -7.23 -14.35
CA CYS F 464 -2.43 -7.90 -13.95
C CYS F 464 -1.18 -7.23 -14.51
N PHE F 465 -1.13 -7.00 -15.81
CA PHE F 465 0.10 -6.48 -16.43
C PHE F 465 0.11 -4.96 -16.52
N CYS F 466 -1.05 -4.31 -16.46
CA CYS F 466 -1.11 -2.86 -16.38
C CYS F 466 -1.23 -2.35 -14.94
N ASN F 467 -1.33 -3.25 -13.97
CA ASN F 467 -1.40 -2.84 -12.57
C ASN F 467 -0.05 -2.31 -12.11
N GLY F 468 -0.06 -1.18 -11.42
CA GLY F 468 1.19 -0.59 -10.96
C GLY F 468 1.90 -1.45 -9.92
N GLU F 469 1.14 -2.06 -9.01
CA GLU F 469 1.75 -2.89 -7.98
C GLU F 469 2.40 -4.13 -8.59
N VAL F 470 1.72 -4.79 -9.52
CA VAL F 470 2.27 -5.98 -10.15
C VAL F 470 3.48 -5.63 -11.01
N GLN F 471 3.42 -4.48 -11.71
CA GLN F 471 4.57 -4.05 -12.49
C GLN F 471 5.76 -3.75 -11.59
N ALA F 472 5.51 -3.11 -10.45
CA ALA F 472 6.59 -2.86 -9.50
C ALA F 472 7.19 -4.16 -8.98
N GLU F 473 6.34 -5.13 -8.67
CA GLU F 473 6.83 -6.44 -8.24
C GLU F 473 7.67 -7.11 -9.32
N ILE F 474 7.22 -7.04 -10.57
CA ILE F 474 7.95 -7.65 -11.68
C ILE F 474 9.31 -6.98 -11.85
N LYS F 475 9.33 -5.65 -11.79
CA LYS F 475 10.59 -4.93 -11.94
C LYS F 475 11.55 -5.24 -10.80
N LYS F 476 11.04 -5.28 -9.56
CA LYS F 476 11.89 -5.61 -8.42
C LYS F 476 12.45 -7.02 -8.52
N SER F 477 11.61 -7.97 -8.92
CA SER F 477 12.07 -9.36 -9.07
C SER F 477 13.13 -9.47 -10.16
N TRP F 478 12.92 -8.78 -11.29
CA TRP F 478 13.90 -8.83 -12.37
C TRP F 478 15.23 -8.20 -11.94
N SER F 479 15.17 -7.07 -11.23
CA SER F 479 16.38 -6.43 -10.77
C SER F 479 17.12 -7.31 -9.76
N ARG F 480 16.39 -7.97 -8.86
CA ARG F 480 17.03 -8.84 -7.88
C ARG F 480 17.60 -10.09 -8.55
N TRP F 481 16.95 -10.56 -9.61
CA TRP F 481 17.46 -11.73 -10.32
C TRP F 481 18.72 -11.40 -11.11
N THR F 482 18.76 -10.24 -11.75
CA THR F 482 19.94 -9.84 -12.49
C THR F 482 21.14 -9.64 -11.57
N LEU F 483 20.91 -9.03 -10.40
CA LEU F 483 21.99 -8.79 -9.45
C LEU F 483 22.43 -10.10 -8.79
#